data_6NV7
#
_entry.id   6NV7
#
_cell.length_a   82.056
_cell.length_b   102.300
_cell.length_c   102.199
_cell.angle_alpha   90.00
_cell.angle_beta   104.60
_cell.angle_gamma   90.00
#
_symmetry.space_group_name_H-M   'P 1 21 1'
#
loop_
_entity.id
_entity.type
_entity.pdbx_description
1 polymer 'Beta-secretase 1'
2 non-polymer (E)-N-(2-methylpropylidene)-N~2~-{[(4S)-17-[(methylsulfonyl)(propyl)amino]-2-oxo-3-azatricyclo[13.3.1.1~6,10~]icosa-1(19),6(20),7,9,15,17-hexaen-4-yl]methyl}-D-threoninamide
3 water water
#
_entity_poly.entity_id   1
_entity_poly.type   'polypeptide(L)'
_entity_poly.pdbx_seq_one_letter_code
;GSFVEMVDNLRGKSGQGYYVEMTVGSPPQTLNILVDTGSSNFAVGAAPHPFLHRYYQRQLSSTYRDLRKGVYVPYTQGKW
EGELGTDLVSIPHGPNVTVRANIAAITESDKFFINGSNWEGILGLAYAEIARPDDSLEPFFDSLVKQTHVPNLFSLQLCG
AGFPLNQSEVLASVGGSMIIGGIDHSLYTGSLWYTPIRREWYYEVIIVRVEINGQDLKMDCKEYNYDKSIVDSGTTNLRL
PKKVFEAAVKSIKAASSTEKFPDGFWLGEQLVCWQAGTTPWNIFPVISLYLMGEVTNQSFRITILPQQYLRPVEDVATSQ
DDCYKFAISQSSTGTVMGAVIMEGFYVVFDRARKRIGFAVSACHVHDEFRTAAVEGPFVTLDMEDCGYNI
;
_entity_poly.pdbx_strand_id   A,B,C
#
loop_
_chem_comp.id
_chem_comp.type
_chem_comp.name
_chem_comp.formula
L3J non-polymer (E)-N-(2-methylpropylidene)-N~2~-{[(4S)-17-[(methylsulfonyl)(propyl)amino]-2-oxo-3-azatricyclo[13.3.1.1~6,10~]icosa-1(19),6(20),7,9,15,17-hexaen-4-yl]methyl}-D-threoninamide 'C32 H46 N4 O5 S'
#
# COMPACT_ATOMS: atom_id res chain seq x y z
N SER A 2 21.11 30.34 47.60
CA SER A 2 20.20 30.73 46.53
C SER A 2 19.37 29.55 46.01
N PHE A 3 19.68 28.32 46.43
CA PHE A 3 18.82 27.22 46.00
C PHE A 3 17.56 27.22 46.85
N VAL A 4 17.61 27.88 48.00
CA VAL A 4 16.44 27.94 48.88
C VAL A 4 15.30 28.65 48.17
N GLU A 5 15.66 29.58 47.28
CA GLU A 5 14.68 30.32 46.48
C GLU A 5 13.94 29.42 45.49
N MET A 6 14.53 28.29 45.14
CA MET A 6 13.91 27.40 44.16
C MET A 6 13.13 26.27 44.81
N VAL A 7 13.27 26.13 46.13
CA VAL A 7 12.54 25.09 46.84
C VAL A 7 11.04 25.41 46.74
N ASP A 8 10.26 24.37 46.46
CA ASP A 8 8.80 24.47 46.33
C ASP A 8 8.35 25.33 45.14
N ASN A 9 9.12 25.33 44.05
CA ASN A 9 8.75 26.16 42.90
C ASN A 9 7.91 25.39 41.90
N LEU A 10 7.51 24.17 42.27
CA LEU A 10 6.70 23.33 41.38
C LEU A 10 5.30 23.13 41.93
N ARG A 11 4.32 23.14 41.04
CA ARG A 11 2.92 22.88 41.39
C ARG A 11 2.32 21.97 40.32
N GLY A 12 1.09 21.52 40.55
CA GLY A 12 0.40 20.72 39.54
C GLY A 12 -0.84 20.00 40.05
N LYS A 13 -1.58 19.39 39.12
CA LYS A 13 -2.70 18.52 39.47
C LYS A 13 -2.31 17.08 39.17
N SER A 14 -2.83 16.18 40.00
CA SER A 14 -2.53 14.75 39.88
C SER A 14 -2.88 14.23 38.49
N GLY A 15 -1.90 13.59 37.84
CA GLY A 15 -2.09 13.01 36.53
C GLY A 15 -2.02 14.02 35.39
N GLN A 16 -1.62 15.25 35.71
CA GLN A 16 -1.57 16.33 34.72
C GLN A 16 -0.21 17.03 34.70
N GLY A 17 0.81 16.39 35.26
CA GLY A 17 2.16 16.94 35.20
C GLY A 17 2.49 17.97 36.27
N TYR A 18 3.76 18.34 36.33
CA TYR A 18 4.25 19.40 37.22
C TYR A 18 4.69 20.61 36.41
N TYR A 19 4.40 21.81 36.90
CA TYR A 19 4.82 23.00 36.17
C TYR A 19 5.59 24.01 37.02
N VAL A 20 6.41 24.81 36.34
CA VAL A 20 7.18 25.87 36.96
C VAL A 20 6.79 27.19 36.30
N GLU A 21 6.89 28.28 37.05
CA GLU A 21 6.55 29.59 36.49
C GLU A 21 7.74 30.14 35.71
N MET A 22 7.47 30.64 34.51
CA MET A 22 8.48 31.28 33.68
C MET A 22 7.94 32.59 33.09
N THR A 23 8.83 33.42 32.56
CA THR A 23 8.43 34.61 31.82
C THR A 23 9.15 34.64 30.47
N VAL A 24 8.44 35.06 29.43
CA VAL A 24 9.02 35.16 28.09
C VAL A 24 8.76 36.54 27.52
N GLY A 25 9.71 37.06 26.75
CA GLY A 25 9.53 38.31 26.03
C GLY A 25 9.81 39.58 26.82
N SER A 26 9.74 40.71 26.10
CA SER A 26 9.95 42.03 26.71
C SER A 26 8.80 42.97 26.33
N PRO A 27 8.01 43.42 27.31
CA PRO A 27 8.10 43.13 28.76
C PRO A 27 7.70 41.70 29.09
N PRO A 28 8.24 41.15 30.19
CA PRO A 28 8.03 39.75 30.61
C PRO A 28 6.57 39.30 30.62
N GLN A 29 6.26 38.23 29.91
CA GLN A 29 4.93 37.63 29.98
C GLN A 29 4.97 36.35 30.81
N THR A 30 4.18 36.32 31.89
CA THR A 30 4.21 35.21 32.83
C THR A 30 3.40 34.01 32.33
N LEU A 31 4.03 32.84 32.34
CA LEU A 31 3.35 31.60 31.95
C LEU A 31 3.77 30.45 32.86
N ASN A 32 2.85 29.52 33.10
CA ASN A 32 3.19 28.28 33.79
C ASN A 32 3.59 27.20 32.81
N ILE A 33 4.78 26.64 33.02
CA ILE A 33 5.38 25.73 32.05
C ILE A 33 5.66 24.34 32.61
N LEU A 34 5.13 23.35 31.92
CA LEU A 34 5.30 21.95 32.27
C LEU A 34 6.77 21.54 32.27
N VAL A 35 7.20 20.82 33.30
CA VAL A 35 8.57 20.34 33.37
C VAL A 35 8.67 18.91 32.84
N ASP A 36 9.27 18.75 31.66
CA ASP A 36 9.25 17.46 30.99
C ASP A 36 10.62 16.93 30.57
N THR A 37 11.12 15.93 31.30
CA THR A 37 12.41 15.33 30.96
C THR A 37 12.25 14.29 29.84
N GLY A 38 11.04 14.15 29.29
CA GLY A 38 10.79 13.19 28.25
C GLY A 38 10.78 13.78 26.84
N SER A 39 11.03 15.09 26.75
CA SER A 39 11.12 15.75 25.45
C SER A 39 12.15 16.87 25.51
N SER A 40 12.33 17.57 24.40
CA SER A 40 13.42 18.53 24.29
C SER A 40 13.02 19.85 23.65
N ASN A 41 11.72 20.05 23.43
CA ASN A 41 11.24 21.30 22.84
C ASN A 41 10.61 22.20 23.90
N PHE A 42 10.93 23.49 23.81
CA PHE A 42 10.28 24.51 24.62
C PHE A 42 9.16 25.12 23.79
N ALA A 43 7.92 24.96 24.25
CA ALA A 43 6.77 25.44 23.49
C ALA A 43 5.69 26.03 24.39
N VAL A 44 5.02 27.06 23.89
CA VAL A 44 3.98 27.74 24.66
C VAL A 44 2.76 28.01 23.79
N GLY A 45 1.58 28.00 24.40
CA GLY A 45 0.38 28.40 23.69
C GLY A 45 0.56 29.84 23.25
N ALA A 46 0.29 30.10 21.98
CA ALA A 46 0.48 31.43 21.43
C ALA A 46 -0.76 31.89 20.66
N ALA A 47 -1.88 31.26 20.96
CA ALA A 47 -3.15 31.57 20.32
C ALA A 47 -4.27 31.11 21.25
N PRO A 48 -5.45 31.75 21.15
CA PRO A 48 -6.61 31.38 21.97
C PRO A 48 -6.98 29.90 21.91
N HIS A 49 -7.39 29.38 23.07
CA HIS A 49 -7.81 27.99 23.21
C HIS A 49 -8.70 27.95 24.45
N PRO A 50 -9.80 27.17 24.39
CA PRO A 50 -10.75 27.09 25.51
C PRO A 50 -10.12 26.59 26.81
N PHE A 51 -8.98 25.93 26.76
CA PHE A 51 -8.34 25.39 27.96
C PHE A 51 -7.19 26.27 28.44
N LEU A 52 -6.88 27.30 27.66
CA LEU A 52 -5.80 28.22 28.00
C LEU A 52 -6.33 29.47 28.71
N HIS A 53 -5.80 29.73 29.91
CA HIS A 53 -6.12 30.94 30.66
C HIS A 53 -5.47 32.17 30.03
N ARG A 54 -4.29 31.95 29.47
CA ARG A 54 -3.48 33.01 28.88
C ARG A 54 -2.57 32.39 27.82
N TYR A 55 -1.89 33.22 27.04
CA TYR A 55 -0.96 32.70 26.03
C TYR A 55 0.08 33.72 25.62
N TYR A 56 1.13 33.21 24.97
CA TYR A 56 2.24 34.00 24.48
C TYR A 56 1.77 34.93 23.37
N GLN A 57 2.00 36.23 23.54
CA GLN A 57 1.61 37.21 22.53
C GLN A 57 2.86 37.84 21.93
N ARG A 58 3.29 37.28 20.80
CA ARG A 58 4.56 37.67 20.20
C ARG A 58 4.61 39.13 19.76
N GLN A 59 3.45 39.69 19.38
CA GLN A 59 3.40 41.07 18.89
C GLN A 59 3.67 42.07 20.02
N LEU A 60 3.45 41.64 21.25
CA LEU A 60 3.65 42.52 22.42
C LEU A 60 5.06 42.41 22.97
N SER A 61 5.89 41.58 22.35
CA SER A 61 7.27 41.42 22.79
C SER A 61 8.23 42.08 21.81
N SER A 62 9.01 43.03 22.32
CA SER A 62 9.93 43.80 21.50
C SER A 62 11.19 43.01 21.16
N THR A 63 11.45 41.94 21.91
CA THR A 63 12.66 41.15 21.71
C THR A 63 12.38 39.86 20.92
N TYR A 64 11.15 39.67 20.48
CA TYR A 64 10.78 38.48 19.71
C TYR A 64 11.42 38.47 18.32
N ARG A 65 11.92 37.31 17.91
CA ARG A 65 12.48 37.14 16.57
C ARG A 65 11.87 35.93 15.86
N ASP A 66 11.37 36.14 14.65
CA ASP A 66 10.79 35.06 13.86
C ASP A 66 11.90 34.24 13.20
N LEU A 67 11.81 32.91 13.30
CA LEU A 67 12.77 32.03 12.64
C LEU A 67 12.22 31.53 11.30
N ARG A 68 10.97 31.86 11.04
CA ARG A 68 10.28 31.51 9.79
C ARG A 68 10.35 30.02 9.46
N LYS A 69 10.09 29.19 10.47
CA LYS A 69 10.07 27.74 10.31
C LYS A 69 8.93 27.15 11.12
N GLY A 70 8.28 26.13 10.57
CA GLY A 70 7.22 25.45 11.26
C GLY A 70 7.80 24.33 12.11
N VAL A 71 6.97 23.79 13.01
CA VAL A 71 7.40 22.69 13.87
C VAL A 71 6.18 22.00 14.44
N TYR A 72 6.25 20.67 14.55
CA TYR A 72 5.23 19.90 15.25
C TYR A 72 5.89 18.87 16.16
N VAL A 73 5.28 18.59 17.31
CA VAL A 73 5.80 17.58 18.21
C VAL A 73 4.69 16.62 18.64
N PRO A 74 4.84 15.33 18.30
CA PRO A 74 3.87 14.34 18.80
C PRO A 74 4.33 13.70 20.10
N TYR A 75 3.47 13.69 21.12
CA TYR A 75 3.81 13.02 22.38
C TYR A 75 3.02 11.73 22.49
N THR A 76 3.36 10.91 23.50
CA THR A 76 2.60 9.69 23.75
C THR A 76 1.15 10.06 24.08
N GLN A 77 0.99 11.18 24.77
CA GLN A 77 -0.33 11.78 24.95
C GLN A 77 -0.31 13.22 24.41
N GLY A 78 -1.13 13.47 23.40
CA GLY A 78 -1.26 14.81 22.84
C GLY A 78 -0.21 15.18 21.81
N LYS A 79 -0.49 16.23 21.04
CA LYS A 79 0.44 16.79 20.06
C LYS A 79 0.07 18.21 19.69
N TRP A 80 1.05 18.98 19.21
CA TRP A 80 0.82 20.35 18.75
C TRP A 80 1.68 20.68 17.54
N GLU A 81 1.32 21.76 16.85
CA GLU A 81 2.18 22.31 15.80
C GLU A 81 2.26 23.80 16.01
N GLY A 82 3.35 24.41 15.54
CA GLY A 82 3.56 25.82 15.75
C GLY A 82 4.61 26.47 14.89
N GLU A 83 4.99 27.68 15.28
CA GLU A 83 5.95 28.49 14.54
C GLU A 83 7.17 28.79 15.40
N LEU A 84 8.35 28.47 14.89
CA LEU A 84 9.59 28.69 15.65
C LEU A 84 10.00 30.15 15.70
N GLY A 85 10.63 30.52 16.80
CA GLY A 85 11.13 31.87 16.99
C GLY A 85 12.01 31.89 18.23
N THR A 86 12.64 33.03 18.52
CA THR A 86 13.42 33.17 19.75
C THR A 86 12.98 34.40 20.53
N ASP A 87 13.18 34.37 21.84
CA ASP A 87 12.84 35.49 22.69
C ASP A 87 13.58 35.36 24.02
N LEU A 88 13.51 36.38 24.86
CA LEU A 88 14.16 36.34 26.17
C LEU A 88 13.32 35.52 27.15
N VAL A 89 13.99 34.71 27.95
CA VAL A 89 13.32 33.83 28.90
C VAL A 89 13.95 33.90 30.29
N SER A 90 13.11 33.96 31.32
CA SER A 90 13.59 33.94 32.70
C SER A 90 12.74 33.01 33.56
N ILE A 91 13.28 32.63 34.70
CA ILE A 91 12.58 31.78 35.67
C ILE A 91 12.59 32.49 37.02
N PRO A 92 11.47 33.11 37.41
CA PRO A 92 11.37 33.92 38.62
C PRO A 92 11.86 33.21 39.88
N HIS A 93 11.48 31.94 40.03
CA HIS A 93 11.94 31.16 41.18
C HIS A 93 12.99 30.16 40.74
N GLY A 94 13.91 30.63 39.90
CA GLY A 94 15.05 29.85 39.49
C GLY A 94 16.29 30.71 39.59
N PRO A 95 17.30 30.45 38.75
CA PRO A 95 18.51 31.26 38.75
C PRO A 95 18.24 32.68 38.25
N ASN A 96 18.91 33.67 38.84
CA ASN A 96 18.71 35.04 38.45
C ASN A 96 19.43 35.41 37.15
N VAL A 97 18.98 34.82 36.05
CA VAL A 97 19.57 35.08 34.74
C VAL A 97 18.48 35.20 33.68
N THR A 98 18.83 35.80 32.55
CA THR A 98 17.92 35.90 31.43
C THR A 98 18.64 35.44 30.17
N VAL A 99 18.03 34.50 29.45
CA VAL A 99 18.66 33.95 28.26
C VAL A 99 17.73 34.05 27.04
N ARG A 100 18.34 34.10 25.86
CA ARG A 100 17.58 34.05 24.62
C ARG A 100 17.46 32.60 24.21
N ALA A 101 16.23 32.11 24.10
CA ALA A 101 16.03 30.70 23.80
C ALA A 101 15.07 30.48 22.63
N ASN A 102 15.19 29.31 22.03
CA ASN A 102 14.23 28.86 21.02
C ASN A 102 12.86 28.64 21.65
N ILE A 103 11.82 29.19 21.00
CA ILE A 103 10.46 29.03 21.49
C ILE A 103 9.52 28.63 20.37
N ALA A 104 8.79 27.54 20.57
CA ALA A 104 7.76 27.14 19.62
C ALA A 104 6.43 27.75 20.02
N ALA A 105 5.93 28.64 19.18
CA ALA A 105 4.64 29.28 19.40
C ALA A 105 3.51 28.37 18.92
N ILE A 106 2.83 27.72 19.86
CA ILE A 106 1.80 26.76 19.52
C ILE A 106 0.56 27.44 18.93
N THR A 107 0.27 27.14 17.67
CA THR A 107 -0.86 27.71 16.97
C THR A 107 -1.99 26.69 16.84
N GLU A 108 -1.63 25.41 16.86
CA GLU A 108 -2.62 24.36 16.75
C GLU A 108 -2.22 23.14 17.59
N SER A 109 -3.19 22.49 18.21
CA SER A 109 -2.91 21.34 19.07
C SER A 109 -4.08 20.35 19.10
N ASP A 110 -3.78 19.13 19.53
CA ASP A 110 -4.78 18.07 19.64
C ASP A 110 -4.58 17.28 20.93
N LYS A 111 -5.52 17.40 21.85
CA LYS A 111 -5.49 16.67 23.12
C LYS A 111 -4.18 16.88 23.89
N PHE A 112 -3.60 18.07 23.74
CA PHE A 112 -2.37 18.43 24.43
C PHE A 112 -2.68 19.23 25.69
N PHE A 113 -3.27 20.41 25.51
CA PHE A 113 -3.68 21.22 26.66
C PHE A 113 -4.82 20.49 27.38
N ILE A 114 -4.84 20.61 28.70
CA ILE A 114 -5.83 19.89 29.51
C ILE A 114 -6.84 20.81 30.16
N ASN A 115 -8.12 20.42 30.14
CA ASN A 115 -9.20 21.25 30.69
C ASN A 115 -9.00 21.58 32.16
N GLY A 116 -8.94 22.87 32.45
CA GLY A 116 -8.80 23.36 33.80
C GLY A 116 -7.39 23.14 34.31
N SER A 117 -6.46 23.06 33.36
CA SER A 117 -5.06 22.95 33.70
C SER A 117 -4.56 24.37 33.96
N ASN A 118 -3.58 24.48 34.83
CA ASN A 118 -3.01 25.78 35.14
C ASN A 118 -1.68 26.02 34.45
N TRP A 119 -1.33 25.15 33.50
CA TRP A 119 -0.14 25.39 32.68
C TRP A 119 -0.50 25.63 31.22
N GLU A 120 0.33 26.42 30.55
CA GLU A 120 0.05 26.82 29.17
C GLU A 120 1.23 26.56 28.24
N GLY A 121 2.21 25.80 28.71
CA GLY A 121 3.37 25.48 27.91
C GLY A 121 4.16 24.28 28.42
N ILE A 122 5.22 23.93 27.71
CA ILE A 122 6.03 22.78 28.10
C ILE A 122 7.51 23.07 27.94
N LEU A 123 8.29 22.61 28.92
CA LEU A 123 9.74 22.77 28.92
C LEU A 123 10.43 21.42 28.79
N GLY A 124 10.83 21.10 27.55
CA GLY A 124 11.54 19.87 27.28
C GLY A 124 12.99 19.94 27.73
N LEU A 125 13.35 19.10 28.70
CA LEU A 125 14.65 19.18 29.33
C LEU A 125 15.64 18.10 28.87
N ALA A 126 15.22 17.25 27.94
CA ALA A 126 16.10 16.21 27.39
C ALA A 126 17.02 16.82 26.31
N TYR A 127 17.75 15.96 25.60
CA TYR A 127 18.82 16.43 24.69
C TYR A 127 18.38 16.71 23.25
N ALA A 128 19.25 17.35 22.52
CA ALA A 128 19.00 17.81 21.17
C ALA A 128 18.66 16.70 20.18
N GLU A 129 19.16 15.50 20.37
CA GLU A 129 18.91 14.40 19.45
C GLU A 129 17.45 14.12 19.27
N ILE A 130 16.60 14.34 20.26
CA ILE A 130 15.18 14.14 20.08
C ILE A 130 14.34 15.39 19.88
N ALA A 131 14.97 16.52 19.68
CA ALA A 131 14.26 17.77 19.45
C ALA A 131 13.64 17.79 18.05
N ARG A 132 12.48 18.43 17.92
CA ARG A 132 11.87 18.63 16.60
C ARG A 132 12.12 20.08 16.17
N PRO A 133 12.30 20.33 14.86
CA PRO A 133 12.27 19.38 13.74
C PRO A 133 13.49 18.45 13.69
N ASP A 134 14.63 18.91 14.21
CA ASP A 134 15.85 18.10 14.25
C ASP A 134 16.79 18.60 15.34
N ASP A 135 17.98 18.01 15.43
CA ASP A 135 18.86 18.29 16.56
C ASP A 135 19.62 19.62 16.44
N SER A 136 19.29 20.42 15.43
CA SER A 136 19.90 21.73 15.28
C SER A 136 19.18 22.76 16.13
N LEU A 137 17.93 22.45 16.51
CA LEU A 137 17.18 23.33 17.38
C LEU A 137 17.63 23.15 18.83
N GLU A 138 18.50 24.04 19.29
CA GLU A 138 19.07 23.98 20.64
C GLU A 138 18.01 24.01 21.74
N PRO A 139 17.98 22.98 22.61
CA PRO A 139 17.04 22.97 23.74
C PRO A 139 17.31 24.08 24.75
N PHE A 140 16.31 24.40 25.57
CA PHE A 140 16.42 25.51 26.51
C PHE A 140 17.60 25.36 27.47
N PHE A 141 17.76 24.17 28.07
CA PHE A 141 18.78 24.01 29.11
C PHE A 141 20.18 24.11 28.54
N ASP A 142 20.34 23.70 27.28
CA ASP A 142 21.61 23.88 26.59
C ASP A 142 21.87 25.38 26.40
N SER A 143 20.84 26.13 26.03
CA SER A 143 20.98 27.58 25.88
C SER A 143 21.31 28.22 27.23
N LEU A 144 20.66 27.74 28.29
CA LEU A 144 20.86 28.29 29.62
C LEU A 144 22.31 28.14 30.06
N VAL A 145 22.83 26.94 29.91
CA VAL A 145 24.21 26.64 30.30
C VAL A 145 25.24 27.38 29.44
N LYS A 146 24.98 27.50 28.15
CA LYS A 146 25.95 28.15 27.26
C LYS A 146 26.03 29.66 27.45
N GLN A 147 24.91 30.30 27.80
CA GLN A 147 24.87 31.75 27.90
C GLN A 147 25.13 32.27 29.32
N THR A 148 25.12 31.36 30.30
CA THR A 148 25.34 31.74 31.69
C THR A 148 26.42 30.87 32.35
N HIS A 149 26.54 31.00 33.67
CA HIS A 149 27.50 30.20 34.44
C HIS A 149 26.76 29.14 35.27
N VAL A 150 25.49 28.93 34.97
CA VAL A 150 24.71 27.90 35.64
C VAL A 150 25.30 26.53 35.31
N PRO A 151 25.73 25.77 36.34
CA PRO A 151 26.28 24.43 36.14
C PRO A 151 25.33 23.52 35.38
N ASN A 152 25.91 22.60 34.60
CA ASN A 152 25.15 21.71 33.73
C ASN A 152 24.53 20.55 34.48
N LEU A 153 23.54 20.88 35.32
CA LEU A 153 22.93 19.91 36.21
C LEU A 153 21.60 20.49 36.69
N PHE A 154 20.60 19.64 36.89
CA PHE A 154 19.40 20.08 37.60
C PHE A 154 18.81 18.91 38.41
N SER A 155 18.00 19.23 39.42
CA SER A 155 17.38 18.22 40.27
C SER A 155 15.88 18.41 40.32
N LEU A 156 15.17 17.30 40.45
CA LEU A 156 13.72 17.33 40.57
C LEU A 156 13.29 16.60 41.83
N GLN A 157 12.56 17.30 42.67
CA GLN A 157 11.92 16.71 43.82
C GLN A 157 10.42 16.77 43.65
N LEU A 158 9.83 15.66 43.21
CA LEU A 158 8.39 15.62 42.99
C LEU A 158 7.68 15.06 44.21
N CYS A 159 6.76 15.82 44.78
CA CYS A 159 6.07 15.38 45.98
C CYS A 159 4.62 15.02 45.66
N GLY A 160 4.13 13.94 46.24
CA GLY A 160 2.76 13.52 45.99
C GLY A 160 1.76 14.41 46.69
N ALA A 161 0.49 14.02 46.62
CA ALA A 161 -0.60 14.76 47.25
C ALA A 161 -0.40 14.88 48.75
N SER A 173 -3.96 17.73 43.51
CA SER A 173 -3.05 18.85 43.70
C SER A 173 -1.73 18.41 44.32
N VAL A 174 -0.63 18.77 43.67
CA VAL A 174 0.70 18.30 44.03
C VAL A 174 1.70 19.44 44.08
N GLY A 175 2.90 19.18 44.61
CA GLY A 175 3.94 20.18 44.67
C GLY A 175 5.33 19.59 44.56
N GLY A 176 6.34 20.44 44.51
CA GLY A 176 7.71 19.95 44.42
C GLY A 176 8.75 21.02 44.15
N SER A 177 9.97 20.58 43.82
CA SER A 177 11.08 21.50 43.61
C SER A 177 11.89 21.14 42.36
N MET A 178 12.22 22.16 41.57
CA MET A 178 13.22 22.01 40.51
C MET A 178 14.42 22.89 40.86
N ILE A 179 15.50 22.25 41.28
CA ILE A 179 16.73 22.96 41.60
C ILE A 179 17.60 23.07 40.35
N ILE A 180 17.72 24.29 39.84
CA ILE A 180 18.47 24.51 38.62
C ILE A 180 19.92 24.90 38.90
N GLY A 181 20.85 24.06 38.44
CA GLY A 181 22.26 24.36 38.55
C GLY A 181 22.96 23.68 39.69
N GLY A 182 22.27 22.78 40.38
CA GLY A 182 22.90 22.10 41.49
C GLY A 182 22.05 21.15 42.29
N ILE A 183 22.58 20.81 43.46
CA ILE A 183 21.99 19.86 44.39
C ILE A 183 21.71 20.58 45.71
N ASP A 184 20.47 20.47 46.18
CA ASP A 184 20.10 21.04 47.49
C ASP A 184 20.07 19.90 48.49
N HIS A 185 21.03 19.90 49.40
CA HIS A 185 21.26 18.79 50.30
C HIS A 185 20.23 18.71 51.43
N SER A 186 19.44 19.77 51.61
CA SER A 186 18.41 19.75 52.63
C SER A 186 17.15 19.02 52.14
N LEU A 187 17.10 18.69 50.86
CA LEU A 187 15.91 18.11 50.26
C LEU A 187 15.91 16.58 50.20
N TYR A 188 16.98 15.95 50.68
CA TYR A 188 17.02 14.50 50.69
C TYR A 188 17.82 13.97 51.87
N THR A 189 17.61 12.70 52.21
CA THR A 189 18.36 12.03 53.26
C THR A 189 19.17 10.84 52.71
N GLY A 190 20.18 10.42 53.46
CA GLY A 190 21.01 9.31 53.05
C GLY A 190 21.93 9.67 51.89
N SER A 191 22.38 8.66 51.16
CA SER A 191 23.32 8.91 50.08
C SER A 191 22.63 8.88 48.71
N LEU A 192 23.20 9.64 47.79
CA LEU A 192 22.76 9.63 46.40
C LEU A 192 23.37 8.43 45.71
N TRP A 193 22.56 7.72 44.94
CA TRP A 193 23.06 6.60 44.14
C TRP A 193 22.87 6.92 42.65
N TYR A 194 23.94 6.77 41.87
CA TYR A 194 23.95 7.19 40.48
C TYR A 194 23.94 6.04 39.48
N THR A 195 23.14 6.21 38.43
CA THR A 195 23.11 5.30 37.30
C THR A 195 23.53 6.09 36.06
N PRO A 196 24.27 5.46 35.13
CA PRO A 196 24.75 6.18 33.96
C PRO A 196 23.62 6.57 33.01
N ILE A 197 23.73 7.72 32.39
CA ILE A 197 22.88 8.03 31.29
C ILE A 197 23.55 7.30 30.13
N ARG A 198 22.85 6.32 29.61
CA ARG A 198 23.38 5.41 28.63
C ARG A 198 23.76 6.07 27.30
N ARG A 199 22.90 6.97 26.85
CA ARG A 199 23.07 7.77 25.65
C ARG A 199 22.34 9.08 25.85
N GLU A 200 22.83 10.18 25.32
CA GLU A 200 22.17 11.45 25.49
C GLU A 200 21.08 11.74 24.46
N TRP A 201 19.92 11.14 24.61
CA TRP A 201 18.77 11.54 23.84
C TRP A 201 17.58 11.74 24.70
N TYR A 202 16.84 10.70 25.04
CA TYR A 202 16.05 10.69 26.24
C TYR A 202 17.05 10.57 27.37
N TYR A 203 16.60 10.64 28.60
CA TYR A 203 17.45 10.26 29.73
C TYR A 203 17.37 8.75 29.87
N GLU A 204 18.14 8.03 29.05
CA GLU A 204 18.03 6.56 29.04
C GLU A 204 18.88 5.93 30.13
N VAL A 205 18.32 4.93 30.79
CA VAL A 205 19.06 4.21 31.82
C VAL A 205 18.90 2.72 31.59
N ILE A 206 19.61 1.92 32.40
CA ILE A 206 19.50 0.47 32.29
C ILE A 206 19.06 -0.19 33.58
N ILE A 207 17.94 -0.90 33.49
CA ILE A 207 17.42 -1.70 34.59
C ILE A 207 17.98 -3.12 34.53
N VAL A 208 18.60 -3.58 35.61
CA VAL A 208 19.28 -4.87 35.58
C VAL A 208 18.55 -5.97 36.38
N ARG A 209 17.63 -5.58 37.25
CA ARG A 209 16.90 -6.57 38.03
C ARG A 209 15.57 -5.98 38.53
N VAL A 210 14.56 -6.83 38.62
CA VAL A 210 13.28 -6.42 39.19
C VAL A 210 12.82 -7.43 40.24
N GLU A 211 12.46 -6.93 41.41
CA GLU A 211 11.93 -7.77 42.49
C GLU A 211 10.58 -7.24 42.98
N ILE A 212 9.65 -8.17 43.23
CA ILE A 212 8.36 -7.82 43.82
C ILE A 212 8.19 -8.56 45.16
N ASN A 213 8.12 -7.80 46.24
CA ASN A 213 8.10 -8.33 47.61
C ASN A 213 9.26 -9.28 47.87
N GLY A 214 10.43 -8.94 47.33
CA GLY A 214 11.63 -9.72 47.60
C GLY A 214 11.85 -10.90 46.66
N GLN A 215 10.94 -11.09 45.71
CA GLN A 215 11.07 -12.20 44.78
C GLN A 215 11.45 -11.71 43.39
N ASP A 216 12.52 -12.29 42.84
CA ASP A 216 13.01 -11.91 41.52
C ASP A 216 11.98 -12.28 40.45
N LEU A 217 11.72 -11.37 39.51
CA LEU A 217 10.85 -11.70 38.39
C LEU A 217 11.50 -12.74 37.49
N LYS A 218 12.82 -12.83 37.56
CA LYS A 218 13.60 -13.83 36.82
C LYS A 218 13.34 -13.81 35.32
N MET A 219 13.15 -12.63 34.76
CA MET A 219 13.05 -12.48 33.32
C MET A 219 14.44 -12.19 32.79
N ASP A 220 14.64 -12.42 31.49
CA ASP A 220 15.85 -11.98 30.81
C ASP A 220 15.98 -10.48 31.01
N CYS A 221 17.19 -10.02 31.37
CA CYS A 221 17.41 -8.63 31.72
C CYS A 221 17.05 -7.67 30.60
N LYS A 222 17.19 -8.13 29.36
CA LYS A 222 16.86 -7.33 28.19
C LYS A 222 15.39 -6.94 28.14
N GLU A 223 14.53 -7.79 28.67
CA GLU A 223 13.10 -7.54 28.63
C GLU A 223 12.75 -6.25 29.38
N TYR A 224 13.50 -5.95 30.43
CA TYR A 224 13.27 -4.77 31.25
C TYR A 224 13.55 -3.50 30.47
N ASN A 225 14.45 -3.58 29.49
CA ASN A 225 14.80 -2.42 28.68
C ASN A 225 14.47 -2.64 27.21
N TYR A 226 13.49 -3.51 26.95
CA TYR A 226 13.10 -3.81 25.58
C TYR A 226 12.66 -2.55 24.86
N ASP A 227 13.44 -2.24 23.83
CA ASP A 227 13.54 -0.94 23.18
C ASP A 227 14.45 -0.04 24.02
N LYS A 228 13.94 0.42 25.17
CA LYS A 228 14.69 1.35 26.00
C LYS A 228 14.03 1.54 27.37
N SER A 229 14.76 2.19 28.27
CA SER A 229 14.22 2.62 29.55
C SER A 229 14.58 4.08 29.73
N ILE A 230 13.60 4.93 30.00
CA ILE A 230 13.85 6.36 30.15
C ILE A 230 13.26 6.92 31.45
N VAL A 231 13.80 8.04 31.91
CA VAL A 231 13.25 8.74 33.07
C VAL A 231 12.44 9.94 32.55
N ASP A 232 11.13 9.92 32.77
CA ASP A 232 10.25 10.90 32.15
C ASP A 232 9.29 11.57 33.16
N SER A 233 9.62 12.78 33.58
CA SER A 233 8.78 13.51 34.52
C SER A 233 7.46 13.95 33.90
N GLY A 234 7.36 13.88 32.57
CA GLY A 234 6.15 14.26 31.88
C GLY A 234 5.11 13.15 31.82
N THR A 235 5.50 11.94 32.18
CA THR A 235 4.59 10.79 32.21
C THR A 235 4.12 10.53 33.64
N THR A 236 2.84 10.24 33.80
CA THR A 236 2.27 10.00 35.12
C THR A 236 2.73 8.66 35.69
N ASN A 237 2.62 7.62 34.88
CA ASN A 237 2.77 6.24 35.34
C ASN A 237 4.17 5.66 35.31
N LEU A 238 4.30 4.50 35.94
CA LEU A 238 5.38 3.58 35.65
C LEU A 238 4.92 2.71 34.49
N ARG A 239 5.53 2.89 33.32
CA ARG A 239 5.12 2.15 32.14
C ARG A 239 6.11 1.03 31.85
N LEU A 240 5.59 -0.17 31.60
CA LEU A 240 6.43 -1.34 31.38
C LEU A 240 6.12 -1.98 30.04
N PRO A 241 7.16 -2.53 29.38
CA PRO A 241 6.95 -3.30 28.15
C PRO A 241 5.99 -4.46 28.41
N LYS A 242 5.26 -4.86 27.37
CA LYS A 242 4.17 -5.82 27.48
C LYS A 242 4.51 -7.05 28.33
N LYS A 243 5.61 -7.70 28.01
CA LYS A 243 5.96 -8.94 28.69
C LYS A 243 6.26 -8.70 30.17
N VAL A 244 6.93 -7.60 30.48
CA VAL A 244 7.26 -7.26 31.87
C VAL A 244 6.01 -6.84 32.64
N PHE A 245 5.16 -6.05 31.99
CA PHE A 245 3.91 -5.58 32.60
C PHE A 245 3.03 -6.75 33.03
N GLU A 246 2.88 -7.74 32.15
CA GLU A 246 2.04 -8.90 32.42
C GLU A 246 2.59 -9.71 33.59
N ALA A 247 3.90 -9.88 33.64
CA ALA A 247 4.51 -10.62 34.74
C ALA A 247 4.34 -9.86 36.06
N ALA A 248 4.45 -8.54 36.01
CA ALA A 248 4.31 -7.72 37.20
C ALA A 248 2.89 -7.77 37.74
N VAL A 249 1.92 -7.59 36.86
CA VAL A 249 0.50 -7.61 37.24
C VAL A 249 0.10 -8.95 37.84
N LYS A 250 0.54 -10.03 37.23
CA LYS A 250 0.25 -11.37 37.73
C LYS A 250 0.78 -11.52 39.17
N SER A 251 1.95 -10.95 39.42
CA SER A 251 2.54 -11.04 40.75
C SER A 251 1.79 -10.17 41.76
N ILE A 252 1.43 -8.97 41.34
CA ILE A 252 0.72 -8.03 42.20
C ILE A 252 -0.69 -8.55 42.50
N LYS A 253 -1.31 -9.19 41.51
CA LYS A 253 -2.61 -9.82 41.72
C LYS A 253 -2.51 -10.91 42.77
N ALA A 254 -1.46 -11.73 42.67
CA ALA A 254 -1.27 -12.84 43.59
C ALA A 254 -1.08 -12.35 45.02
N ALA A 255 -0.37 -11.25 45.20
CA ALA A 255 -0.12 -10.71 46.52
C ALA A 255 -1.38 -10.13 47.14
N SER A 256 -2.25 -9.58 46.31
CA SER A 256 -3.46 -8.94 46.82
C SER A 256 -4.72 -9.77 46.52
N SER A 257 -4.53 -11.07 46.36
CA SER A 257 -5.62 -11.98 46.02
C SER A 257 -6.71 -12.03 47.08
N THR A 258 -6.38 -11.59 48.30
CA THR A 258 -7.34 -11.51 49.40
C THR A 258 -8.55 -10.61 49.06
N GLU A 259 -8.44 -9.84 47.99
CA GLU A 259 -9.51 -8.99 47.48
C GLU A 259 -9.57 -9.20 45.97
N LYS A 260 -10.73 -9.03 45.39
CA LYS A 260 -10.89 -9.19 43.97
C LYS A 260 -11.25 -7.84 43.40
N PHE A 261 -10.79 -7.60 42.20
CA PHE A 261 -10.87 -6.28 41.64
C PHE A 261 -11.53 -6.31 40.30
N PRO A 262 -12.08 -5.18 39.91
CA PRO A 262 -12.97 -5.09 38.77
C PRO A 262 -12.31 -5.52 37.49
N ASP A 263 -11.01 -5.31 37.35
CA ASP A 263 -10.17 -5.80 36.25
C ASP A 263 -9.99 -4.75 35.19
N GLY A 264 -10.94 -3.83 35.17
CA GLY A 264 -10.80 -2.54 34.55
C GLY A 264 -9.72 -1.80 35.28
N PHE A 265 -9.65 -2.06 36.58
CA PHE A 265 -8.69 -1.47 37.45
C PHE A 265 -7.26 -1.84 37.05
N TRP A 266 -7.01 -3.08 36.71
CA TRP A 266 -5.65 -3.47 36.37
C TRP A 266 -5.22 -2.92 35.01
N LEU A 267 -6.19 -2.42 34.24
CA LEU A 267 -5.89 -1.79 32.96
C LEU A 267 -5.92 -0.27 33.14
N GLY A 268 -6.16 0.18 34.36
CA GLY A 268 -6.11 1.58 34.68
C GLY A 268 -7.39 2.32 34.30
N GLU A 269 -8.39 1.57 33.86
CA GLU A 269 -9.67 2.15 33.46
C GLU A 269 -10.58 2.48 34.64
N GLN A 270 -10.64 1.59 35.63
CA GLN A 270 -11.60 1.75 36.70
C GLN A 270 -10.95 2.11 38.03
N LEU A 271 -11.66 2.92 38.80
CA LEU A 271 -11.23 3.31 40.13
C LEU A 271 -11.48 2.16 41.09
N VAL A 272 -10.78 2.17 42.22
CA VAL A 272 -11.12 1.29 43.33
C VAL A 272 -11.20 2.13 44.59
N CYS A 273 -12.17 1.81 45.44
CA CYS A 273 -12.46 2.63 46.61
C CYS A 273 -12.57 1.78 47.86
N TRP A 274 -12.17 2.36 48.97
CA TRP A 274 -12.37 1.78 50.29
C TRP A 274 -12.86 2.90 51.21
N GLN A 275 -13.45 2.55 52.35
CA GLN A 275 -13.91 3.57 53.28
C GLN A 275 -12.69 4.37 53.76
N ALA A 276 -12.90 5.67 53.99
CA ALA A 276 -11.78 6.57 54.27
C ALA A 276 -10.93 6.07 55.44
N GLY A 277 -9.63 5.92 55.17
CA GLY A 277 -8.67 5.45 56.15
C GLY A 277 -8.51 3.95 56.27
N THR A 278 -9.19 3.20 55.41
CA THR A 278 -9.17 1.75 55.51
C THR A 278 -8.50 1.06 54.32
N THR A 279 -7.75 1.81 53.52
CA THR A 279 -7.06 1.23 52.36
C THR A 279 -6.11 0.16 52.86
N PRO A 280 -6.20 -1.06 52.31
CA PRO A 280 -5.38 -2.18 52.76
C PRO A 280 -4.00 -2.18 52.11
N TRP A 281 -3.15 -1.22 52.49
CA TRP A 281 -1.85 -1.07 51.87
C TRP A 281 -1.02 -2.36 51.96
N ASN A 282 -1.18 -3.06 53.08
CA ASN A 282 -0.35 -4.24 53.36
C ASN A 282 -0.50 -5.37 52.34
N ILE A 283 -1.63 -5.43 51.63
CA ILE A 283 -1.84 -6.51 50.68
C ILE A 283 -1.19 -6.23 49.33
N PHE A 284 -0.75 -5.00 49.12
CA PHE A 284 -0.05 -4.63 47.89
C PHE A 284 1.46 -4.67 48.13
N PRO A 285 2.20 -5.30 47.22
CA PRO A 285 3.64 -5.54 47.36
C PRO A 285 4.51 -4.33 47.08
N VAL A 286 5.73 -4.35 47.61
CA VAL A 286 6.71 -3.34 47.23
C VAL A 286 7.41 -3.80 45.95
N ILE A 287 7.86 -2.84 45.14
CA ILE A 287 8.53 -3.13 43.88
C ILE A 287 9.93 -2.55 43.89
N SER A 288 10.93 -3.38 43.62
CA SER A 288 12.32 -2.92 43.59
C SER A 288 12.88 -2.98 42.19
N LEU A 289 13.34 -1.81 41.72
CA LEU A 289 14.03 -1.70 40.44
C LEU A 289 15.52 -1.52 40.70
N TYR A 290 16.32 -2.46 40.18
CA TYR A 290 17.77 -2.39 40.28
C TYR A 290 18.34 -1.69 39.05
N LEU A 291 19.10 -0.62 39.28
CA LEU A 291 19.71 0.15 38.20
C LEU A 291 21.23 -0.07 38.11
N MET A 292 21.76 -0.04 36.89
CA MET A 292 23.20 -0.14 36.69
C MET A 292 23.90 0.97 37.47
N GLY A 293 24.97 0.59 38.18
CA GLY A 293 25.74 1.52 38.99
C GLY A 293 26.88 2.18 38.25
N GLU A 294 27.72 2.89 39.01
CA GLU A 294 28.87 3.62 38.47
C GLU A 294 30.15 2.79 38.28
N VAL A 295 30.28 1.70 39.04
CA VAL A 295 31.47 0.85 38.91
C VAL A 295 31.14 -0.55 38.40
N THR A 296 32.17 -1.25 37.94
CA THR A 296 32.00 -2.56 37.30
C THR A 296 31.28 -3.54 38.22
N ASN A 297 30.33 -4.28 37.65
CA ASN A 297 29.58 -5.31 38.38
C ASN A 297 28.79 -4.75 39.58
N GLN A 298 28.51 -3.45 39.57
CA GLN A 298 27.79 -2.86 40.69
C GLN A 298 26.49 -2.18 40.28
N SER A 299 25.45 -2.44 41.07
CA SER A 299 24.14 -1.85 40.89
C SER A 299 23.61 -1.30 42.22
N PHE A 300 22.43 -0.69 42.18
CA PHE A 300 21.71 -0.29 43.40
C PHE A 300 20.22 -0.44 43.14
N ARG A 301 19.41 -0.38 44.19
CA ARG A 301 17.98 -0.58 44.02
C ARG A 301 17.18 0.58 44.59
N ILE A 302 16.09 0.90 43.91
CA ILE A 302 15.10 1.80 44.45
C ILE A 302 13.83 1.00 44.70
N THR A 303 13.21 1.23 45.85
CA THR A 303 12.04 0.47 46.23
C THR A 303 10.85 1.41 46.33
N ILE A 304 9.75 1.09 45.64
CA ILE A 304 8.57 1.94 45.73
C ILE A 304 7.43 1.21 46.46
N LEU A 305 6.59 1.98 47.13
CA LEU A 305 5.47 1.45 47.89
C LEU A 305 4.18 1.54 47.07
N PRO A 306 3.14 0.78 47.45
CA PRO A 306 1.85 0.92 46.79
C PRO A 306 1.29 2.33 46.86
N GLN A 307 1.71 3.11 47.86
CA GLN A 307 1.27 4.49 47.98
C GLN A 307 1.75 5.31 46.79
N GLN A 308 2.70 4.77 46.04
CA GLN A 308 3.23 5.44 44.88
C GLN A 308 2.54 5.00 43.59
N TYR A 309 2.31 3.70 43.42
CA TYR A 309 1.71 3.22 42.18
C TYR A 309 0.19 3.03 42.25
N LEU A 310 -0.40 3.48 43.36
CA LEU A 310 -1.85 3.63 43.46
C LEU A 310 -2.15 5.11 43.60
N ARG A 311 -2.46 5.75 42.48
CA ARG A 311 -2.64 7.20 42.46
C ARG A 311 -4.03 7.60 42.95
N PRO A 312 -4.08 8.52 43.92
CA PRO A 312 -5.36 8.98 44.48
C PRO A 312 -6.14 9.81 43.47
N VAL A 313 -7.44 9.51 43.34
CA VAL A 313 -8.30 10.20 42.39
C VAL A 313 -9.63 10.65 43.01
N GLN A 320 -17.74 10.04 50.54
CA GLN A 320 -16.44 10.29 49.92
C GLN A 320 -15.37 9.36 50.48
N ASP A 321 -15.14 8.28 49.74
CA ASP A 321 -14.16 7.25 50.06
C ASP A 321 -12.75 7.63 49.63
N ASP A 322 -11.79 6.77 49.94
CA ASP A 322 -10.45 6.92 49.37
C ASP A 322 -10.38 6.06 48.12
N CYS A 323 -10.17 6.71 46.97
CA CYS A 323 -10.23 6.06 45.67
C CYS A 323 -8.92 6.16 44.92
N TYR A 324 -8.58 5.10 44.19
CA TYR A 324 -7.31 5.05 43.50
C TYR A 324 -7.41 4.50 42.08
N LYS A 325 -6.45 4.87 41.24
CA LYS A 325 -6.27 4.27 39.93
C LYS A 325 -4.91 3.59 39.90
N PHE A 326 -4.86 2.41 39.28
CA PHE A 326 -3.62 1.65 39.13
C PHE A 326 -2.67 2.38 38.18
N ALA A 327 -1.56 2.90 38.70
CA ALA A 327 -0.67 3.76 37.91
C ALA A 327 0.54 3.02 37.36
N ILE A 328 0.37 1.71 37.13
CA ILE A 328 1.33 0.93 36.38
C ILE A 328 0.63 0.49 35.10
N SER A 329 1.19 0.85 33.95
CA SER A 329 0.53 0.54 32.70
C SER A 329 1.51 -0.02 31.65
N GLN A 330 0.94 -0.48 30.55
CA GLN A 330 1.69 -1.17 29.52
C GLN A 330 2.27 -0.20 28.49
N SER A 331 3.42 -0.57 27.93
CA SER A 331 4.07 0.22 26.89
C SER A 331 4.60 -0.66 25.77
N SER A 332 4.68 -0.08 24.58
CA SER A 332 5.24 -0.76 23.42
C SER A 332 6.53 -0.08 22.98
N THR A 333 6.95 0.92 23.76
CA THR A 333 8.15 1.68 23.45
C THR A 333 9.17 1.69 24.59
N GLY A 334 9.13 0.65 25.42
CA GLY A 334 10.10 0.51 26.49
C GLY A 334 9.60 0.99 27.85
N THR A 335 10.46 0.86 28.86
CA THR A 335 10.11 1.29 30.21
C THR A 335 10.11 2.80 30.35
N VAL A 336 9.07 3.34 30.96
CA VAL A 336 9.02 4.75 31.27
C VAL A 336 8.89 4.91 32.78
N MET A 337 9.93 5.46 33.39
CA MET A 337 9.90 5.75 34.82
C MET A 337 9.30 7.14 35.01
N GLY A 338 7.99 7.19 35.22
CA GLY A 338 7.28 8.45 35.33
C GLY A 338 7.16 9.03 36.73
N ALA A 339 6.19 9.91 36.93
CA ALA A 339 6.05 10.65 38.19
C ALA A 339 5.85 9.77 39.42
N VAL A 340 5.10 8.68 39.27
CA VAL A 340 4.86 7.75 40.38
C VAL A 340 6.18 7.17 40.90
N ILE A 341 7.13 6.97 40.01
CA ILE A 341 8.44 6.47 40.37
C ILE A 341 9.28 7.60 40.98
N MET A 342 9.24 8.78 40.37
CA MET A 342 10.06 9.89 40.82
C MET A 342 9.60 10.46 42.18
N GLU A 343 8.30 10.35 42.47
CA GLU A 343 7.72 10.92 43.69
C GLU A 343 8.26 10.15 44.90
N GLY A 344 8.70 10.87 45.91
CA GLY A 344 9.28 10.20 47.07
C GLY A 344 10.80 10.16 46.95
N PHE A 345 11.34 10.52 45.79
CA PHE A 345 12.80 10.48 45.60
C PHE A 345 13.31 11.83 45.12
N TYR A 346 14.57 12.11 45.45
CA TYR A 346 15.27 13.29 44.94
C TYR A 346 16.08 12.85 43.74
N VAL A 347 15.74 13.34 42.56
CA VAL A 347 16.39 12.84 41.35
C VAL A 347 17.30 13.88 40.71
N VAL A 348 18.58 13.56 40.63
CA VAL A 348 19.57 14.50 40.10
C VAL A 348 19.93 14.15 38.65
N PHE A 349 19.63 15.07 37.73
CA PHE A 349 19.98 14.90 36.33
C PHE A 349 21.34 15.56 36.09
N ASP A 350 22.39 14.81 36.38
CA ASP A 350 23.77 15.29 36.31
C ASP A 350 24.30 15.17 34.88
N ARG A 351 23.93 16.12 34.04
CA ARG A 351 24.31 16.09 32.62
C ARG A 351 25.83 16.19 32.45
N ALA A 352 26.46 16.97 33.33
CA ALA A 352 27.90 17.18 33.24
C ALA A 352 28.67 15.87 33.39
N ARG A 353 28.19 14.98 34.25
CA ARG A 353 28.87 13.71 34.46
C ARG A 353 28.11 12.51 33.90
N LYS A 354 27.13 12.78 33.04
CA LYS A 354 26.37 11.76 32.31
C LYS A 354 25.80 10.67 33.24
N ARG A 355 25.10 11.11 34.27
CA ARG A 355 24.55 10.19 35.25
C ARG A 355 23.29 10.76 35.90
N ILE A 356 22.46 9.86 36.43
CA ILE A 356 21.25 10.27 37.13
C ILE A 356 21.30 9.70 38.54
N GLY A 357 21.13 10.59 39.52
CA GLY A 357 21.20 10.22 40.93
C GLY A 357 19.85 10.11 41.59
N PHE A 358 19.72 9.12 42.48
CA PHE A 358 18.50 8.88 43.24
C PHE A 358 18.80 8.88 44.75
N ALA A 359 17.93 9.52 45.52
CA ALA A 359 18.01 9.47 46.98
C ALA A 359 16.61 9.62 47.56
N VAL A 360 16.43 9.10 48.78
CA VAL A 360 15.17 9.26 49.49
C VAL A 360 14.88 10.75 49.71
N SER A 361 13.72 11.18 49.23
CA SER A 361 13.29 12.57 49.33
C SER A 361 12.85 13.00 50.73
N ALA A 362 12.92 14.30 51.01
CA ALA A 362 12.46 14.84 52.28
C ALA A 362 10.93 14.75 52.35
N CYS A 363 10.30 14.72 51.19
CA CYS A 363 8.89 14.42 51.14
C CYS A 363 8.83 12.98 50.68
N HIS A 364 8.58 12.08 51.62
CA HIS A 364 8.35 10.72 51.28
C HIS A 364 7.11 10.30 51.91
N VAL A 365 6.43 9.35 51.30
CA VAL A 365 5.16 8.90 51.83
C VAL A 365 5.43 8.00 53.02
N HIS A 366 4.71 8.19 54.11
CA HIS A 366 4.96 7.44 55.32
C HIS A 366 4.10 6.25 55.41
N ASP A 367 4.71 5.11 55.67
CA ASP A 367 3.98 3.90 55.94
C ASP A 367 4.54 3.37 57.24
N GLU A 368 3.66 2.89 58.08
CA GLU A 368 4.06 2.49 59.44
C GLU A 368 5.05 1.33 59.46
N PHE A 369 4.91 0.44 58.49
CA PHE A 369 5.62 -0.84 58.51
C PHE A 369 6.67 -0.99 57.39
N ARG A 370 6.53 -0.21 56.33
CA ARG A 370 7.44 -0.31 55.19
C ARG A 370 7.96 1.06 54.77
N THR A 371 9.07 1.09 54.05
CA THR A 371 9.64 2.36 53.63
C THR A 371 10.24 2.33 52.23
N ALA A 372 9.98 3.39 51.47
CA ALA A 372 10.62 3.57 50.17
C ALA A 372 12.11 3.76 50.45
N ALA A 373 12.96 3.22 49.58
CA ALA A 373 14.39 3.21 49.85
C ALA A 373 15.23 3.29 48.58
N VAL A 374 16.46 3.77 48.74
CA VAL A 374 17.51 3.68 47.72
C VAL A 374 18.70 3.00 48.42
N GLU A 375 19.02 1.78 48.00
CA GLU A 375 19.99 0.97 48.71
C GLU A 375 21.08 0.39 47.82
N GLY A 376 22.30 0.36 48.34
CA GLY A 376 23.43 -0.20 47.63
C GLY A 376 24.62 -0.33 48.55
N PRO A 377 25.74 -0.88 48.03
CA PRO A 377 25.84 -1.39 46.65
C PRO A 377 25.37 -2.83 46.53
N PHE A 378 25.01 -3.25 45.31
CA PHE A 378 24.74 -4.65 45.03
C PHE A 378 25.70 -5.13 43.95
N VAL A 379 25.99 -6.42 43.93
CA VAL A 379 26.79 -6.99 42.86
C VAL A 379 25.84 -7.62 41.84
N THR A 380 26.05 -7.26 40.58
CA THR A 380 25.27 -7.77 39.47
C THR A 380 26.21 -8.02 38.31
N LEU A 381 26.34 -9.28 37.90
CA LEU A 381 27.23 -9.63 36.81
C LEU A 381 26.58 -9.41 35.44
N ASP A 382 27.42 -9.19 34.42
CA ASP A 382 26.99 -9.06 33.03
C ASP A 382 25.88 -8.03 32.77
N MET A 383 25.99 -6.85 33.39
CA MET A 383 24.95 -5.84 33.27
C MET A 383 24.81 -5.27 31.85
N GLU A 384 25.88 -5.33 31.07
CA GLU A 384 25.87 -4.81 29.71
C GLU A 384 24.89 -5.57 28.82
N ASP A 385 24.67 -6.84 29.14
CA ASP A 385 23.77 -7.69 28.38
C ASP A 385 22.31 -7.27 28.59
N CYS A 386 22.08 -6.32 29.50
CA CYS A 386 20.71 -5.93 29.82
C CYS A 386 20.25 -4.83 28.87
N GLY A 387 21.20 -4.10 28.30
CA GLY A 387 20.85 -3.06 27.35
C GLY A 387 20.33 -3.65 26.05
N TYR A 388 19.25 -3.08 25.54
CA TYR A 388 18.70 -3.50 24.26
C TYR A 388 19.52 -2.94 23.11
N ASN A 389 19.63 -3.70 22.04
CA ASN A 389 20.44 -3.29 20.90
C ASN A 389 19.83 -3.72 19.58
N GLY B 1 -6.99 24.65 8.78
CA GLY B 1 -7.83 23.98 9.75
C GLY B 1 -7.04 23.05 10.65
N SER B 2 -7.75 22.26 11.46
CA SER B 2 -7.12 21.34 12.38
C SER B 2 -6.52 20.13 11.66
N PHE B 3 -5.48 20.40 10.86
CA PHE B 3 -4.77 19.33 10.17
C PHE B 3 -3.79 18.64 11.14
N VAL B 4 -3.58 19.26 12.30
CA VAL B 4 -2.65 18.74 13.30
C VAL B 4 -3.03 17.32 13.72
N GLU B 5 -4.31 17.00 13.63
CA GLU B 5 -4.82 15.69 13.98
C GLU B 5 -4.29 14.61 13.05
N MET B 6 -3.94 14.99 11.82
CA MET B 6 -3.52 14.03 10.80
C MET B 6 -2.01 13.94 10.67
N VAL B 7 -1.32 14.83 11.35
CA VAL B 7 0.14 14.81 11.32
C VAL B 7 0.66 13.51 11.95
N ASP B 8 1.66 12.91 11.31
CA ASP B 8 2.31 11.69 11.77
C ASP B 8 1.37 10.46 11.74
N ASN B 9 0.46 10.42 10.76
CA ASN B 9 -0.49 9.31 10.66
C ASN B 9 -0.06 8.18 9.72
N LEU B 10 1.16 8.23 9.22
CA LEU B 10 1.67 7.19 8.32
C LEU B 10 2.82 6.42 8.98
N ARG B 11 2.83 5.12 8.76
CA ARG B 11 3.92 4.25 9.22
C ARG B 11 4.27 3.29 8.10
N GLY B 12 5.36 2.54 8.28
CA GLY B 12 5.75 1.54 7.31
C GLY B 12 7.15 1.00 7.49
N LYS B 13 7.47 -0.01 6.70
CA LYS B 13 8.82 -0.55 6.64
C LYS B 13 9.46 -0.14 5.32
N SER B 14 10.77 0.09 5.34
CA SER B 14 11.50 0.52 4.16
C SER B 14 11.31 -0.45 3.00
N GLY B 15 10.87 0.07 1.85
CA GLY B 15 10.68 -0.73 0.66
C GLY B 15 9.39 -1.53 0.63
N GLN B 16 8.52 -1.29 1.60
CA GLN B 16 7.25 -2.02 1.70
C GLN B 16 6.06 -1.06 1.79
N GLY B 17 6.27 0.20 1.38
CA GLY B 17 5.20 1.16 1.30
C GLY B 17 4.86 1.86 2.61
N TYR B 18 3.99 2.87 2.52
CA TYR B 18 3.50 3.60 3.68
C TYR B 18 2.03 3.32 3.86
N TYR B 19 1.58 3.14 5.11
CA TYR B 19 0.17 2.87 5.35
C TYR B 19 -0.46 3.78 6.39
N VAL B 20 -1.79 3.91 6.29
CA VAL B 20 -2.57 4.69 7.24
C VAL B 20 -3.62 3.76 7.86
N GLU B 21 -4.03 4.05 9.10
CA GLU B 21 -5.05 3.25 9.77
C GLU B 21 -6.45 3.66 9.31
N MET B 22 -7.26 2.67 8.98
CA MET B 22 -8.65 2.92 8.58
C MET B 22 -9.58 1.94 9.31
N THR B 23 -10.89 2.22 9.28
CA THR B 23 -11.88 1.28 9.80
C THR B 23 -12.95 1.03 8.74
N VAL B 24 -13.40 -0.22 8.64
CA VAL B 24 -14.46 -0.57 7.70
C VAL B 24 -15.55 -1.37 8.42
N GLY B 25 -16.80 -1.12 8.02
CA GLY B 25 -17.93 -1.89 8.53
C GLY B 25 -18.52 -1.41 9.85
N SER B 26 -19.62 -2.04 10.25
CA SER B 26 -20.28 -1.76 11.51
C SER B 26 -20.54 -3.06 12.27
N PRO B 27 -19.93 -3.24 13.45
CA PRO B 27 -19.03 -2.30 14.15
C PRO B 27 -17.66 -2.19 13.46
N PRO B 28 -17.01 -1.04 13.61
CA PRO B 28 -15.74 -0.73 12.94
C PRO B 28 -14.65 -1.80 13.12
N GLN B 29 -14.12 -2.28 12.01
CA GLN B 29 -12.97 -3.19 12.00
C GLN B 29 -11.73 -2.45 11.57
N THR B 30 -10.70 -2.45 12.43
CA THR B 30 -9.48 -1.71 12.18
C THR B 30 -8.51 -2.46 11.24
N LEU B 31 -8.02 -1.75 10.23
CA LEU B 31 -7.04 -2.29 9.30
C LEU B 31 -5.99 -1.25 8.93
N ASN B 32 -4.77 -1.69 8.68
CA ASN B 32 -3.74 -0.81 8.14
C ASN B 32 -3.78 -0.85 6.61
N ILE B 33 -3.90 0.32 6.01
CA ILE B 33 -4.12 0.41 4.57
C ILE B 33 -3.02 1.21 3.86
N LEU B 34 -2.43 0.56 2.87
CA LEU B 34 -1.40 1.15 2.04
C LEU B 34 -1.92 2.39 1.33
N VAL B 35 -1.13 3.47 1.35
CA VAL B 35 -1.49 4.70 0.64
C VAL B 35 -0.82 4.71 -0.72
N ASP B 36 -1.62 4.56 -1.78
CA ASP B 36 -1.07 4.40 -3.13
C ASP B 36 -1.65 5.37 -4.16
N THR B 37 -0.84 6.36 -4.56
CA THR B 37 -1.27 7.32 -5.57
C THR B 37 -1.06 6.73 -6.97
N GLY B 38 -0.64 5.47 -7.04
CA GLY B 38 -0.40 4.83 -8.32
C GLY B 38 -1.52 3.92 -8.80
N SER B 39 -2.60 3.83 -8.04
CA SER B 39 -3.76 3.04 -8.43
C SER B 39 -5.05 3.70 -7.92
N SER B 40 -6.19 3.07 -8.19
CA SER B 40 -7.48 3.68 -7.91
C SER B 40 -8.50 2.75 -7.25
N ASN B 41 -8.05 1.57 -6.82
CA ASN B 41 -8.95 0.64 -6.12
C ASN B 41 -8.71 0.60 -4.62
N PHE B 42 -9.79 0.58 -3.85
CA PHE B 42 -9.73 0.36 -2.41
C PHE B 42 -9.99 -1.12 -2.15
N ALA B 43 -8.99 -1.83 -1.63
CA ALA B 43 -9.11 -3.26 -1.43
C ALA B 43 -8.47 -3.72 -0.13
N VAL B 44 -9.05 -4.75 0.47
CA VAL B 44 -8.54 -5.27 1.73
C VAL B 44 -8.54 -6.80 1.72
N GLY B 45 -7.60 -7.39 2.45
CA GLY B 45 -7.60 -8.83 2.64
C GLY B 45 -8.89 -9.20 3.34
N ALA B 46 -9.59 -10.21 2.83
CA ALA B 46 -10.88 -10.59 3.39
C ALA B 46 -10.97 -12.09 3.64
N ALA B 47 -9.80 -12.72 3.74
CA ALA B 47 -9.72 -14.16 3.95
C ALA B 47 -8.37 -14.48 4.59
N PRO B 48 -8.28 -15.59 5.33
CA PRO B 48 -7.03 -16.00 5.96
C PRO B 48 -5.86 -16.04 4.98
N HIS B 49 -4.69 -15.62 5.47
CA HIS B 49 -3.47 -15.61 4.67
C HIS B 49 -2.27 -15.62 5.62
N PRO B 50 -1.23 -16.39 5.27
CA PRO B 50 -0.05 -16.53 6.12
C PRO B 50 0.64 -15.19 6.44
N PHE B 51 0.42 -14.17 5.62
CA PHE B 51 1.06 -12.88 5.82
C PHE B 51 0.11 -11.85 6.44
N LEU B 52 -1.15 -12.22 6.60
CA LEU B 52 -2.14 -11.31 7.18
C LEU B 52 -2.34 -11.58 8.67
N HIS B 53 -2.13 -10.56 9.49
CA HIS B 53 -2.41 -10.63 10.92
C HIS B 53 -3.92 -10.60 11.16
N ARG B 54 -4.62 -9.88 10.29
CA ARG B 54 -6.06 -9.70 10.42
C ARG B 54 -6.66 -9.44 9.04
N TYR B 55 -7.98 -9.47 8.95
CA TYR B 55 -8.63 -9.24 7.67
C TYR B 55 -10.09 -8.80 7.81
N TYR B 56 -10.62 -8.28 6.71
CA TYR B 56 -12.01 -7.82 6.64
C TYR B 56 -12.99 -8.98 6.72
N GLN B 57 -13.90 -8.93 7.68
CA GLN B 57 -14.92 -9.97 7.83
C GLN B 57 -16.31 -9.42 7.57
N ARG B 58 -16.77 -9.60 6.33
CA ARG B 58 -18.03 -9.03 5.86
C ARG B 58 -19.26 -9.51 6.63
N GLN B 59 -19.22 -10.72 7.16
CA GLN B 59 -20.38 -11.29 7.85
C GLN B 59 -20.66 -10.56 9.17
N LEU B 60 -19.64 -9.90 9.71
CA LEU B 60 -19.76 -9.19 10.99
C LEU B 60 -20.17 -7.74 10.81
N SER B 61 -20.38 -7.31 9.57
CA SER B 61 -20.77 -5.93 9.30
C SER B 61 -22.24 -5.84 8.89
N SER B 62 -23.00 -5.06 9.64
CA SER B 62 -24.43 -4.90 9.39
C SER B 62 -24.68 -3.96 8.21
N THR B 63 -23.67 -3.17 7.87
CA THR B 63 -23.79 -2.18 6.82
C THR B 63 -23.15 -2.66 5.51
N TYR B 64 -22.67 -3.89 5.50
CA TYR B 64 -22.07 -4.46 4.30
C TYR B 64 -23.10 -4.73 3.20
N ARG B 65 -22.75 -4.38 1.96
CA ARG B 65 -23.60 -4.66 0.81
C ARG B 65 -22.82 -5.36 -0.29
N ASP B 66 -23.34 -6.50 -0.75
CA ASP B 66 -22.71 -7.26 -1.83
C ASP B 66 -23.07 -6.66 -3.18
N LEU B 67 -22.07 -6.50 -4.05
CA LEU B 67 -22.28 -5.99 -5.40
C LEU B 67 -22.35 -7.12 -6.43
N ARG B 68 -22.08 -8.35 -5.99
CA ARG B 68 -22.13 -9.53 -6.86
C ARG B 68 -21.31 -9.37 -8.15
N LYS B 69 -20.11 -8.83 -8.01
CA LYS B 69 -19.21 -8.66 -9.14
C LYS B 69 -17.78 -8.96 -8.70
N GLY B 70 -17.03 -9.63 -9.57
CA GLY B 70 -15.64 -9.93 -9.30
C GLY B 70 -14.76 -8.79 -9.76
N VAL B 71 -13.48 -8.84 -9.39
CA VAL B 71 -12.55 -7.78 -9.80
C VAL B 71 -11.12 -8.31 -9.74
N TYR B 72 -10.30 -7.88 -10.69
CA TYR B 72 -8.89 -8.25 -10.74
C TYR B 72 -8.03 -7.00 -10.91
N VAL B 73 -6.94 -6.90 -10.15
CA VAL B 73 -6.04 -5.77 -10.28
C VAL B 73 -4.58 -6.23 -10.33
N PRO B 74 -3.89 -5.99 -11.46
CA PRO B 74 -2.46 -6.28 -11.55
C PRO B 74 -1.61 -5.05 -11.25
N TYR B 75 -0.61 -5.19 -10.37
CA TYR B 75 0.33 -4.11 -10.11
C TYR B 75 1.69 -4.44 -10.72
N THR B 76 2.60 -3.47 -10.77
CA THR B 76 3.95 -3.72 -11.26
C THR B 76 4.63 -4.75 -10.36
N GLN B 77 4.31 -4.71 -9.08
CA GLN B 77 4.66 -5.78 -8.15
C GLN B 77 3.40 -6.31 -7.51
N GLY B 78 3.12 -7.59 -7.72
CA GLY B 78 1.98 -8.24 -7.09
C GLY B 78 0.68 -8.05 -7.85
N LYS B 79 -0.29 -8.91 -7.52
CA LYS B 79 -1.63 -8.84 -8.10
C LYS B 79 -2.62 -9.60 -7.23
N TRP B 80 -3.89 -9.22 -7.31
CA TRP B 80 -4.93 -9.91 -6.57
C TRP B 80 -6.26 -9.95 -7.33
N GLU B 81 -7.16 -10.80 -6.86
CA GLU B 81 -8.52 -10.79 -7.34
C GLU B 81 -9.42 -10.85 -6.11
N GLY B 82 -10.66 -10.37 -6.23
CA GLY B 82 -11.55 -10.34 -5.10
C GLY B 82 -13.00 -10.12 -5.44
N GLU B 83 -13.81 -9.84 -4.42
CA GLU B 83 -15.24 -9.66 -4.60
C GLU B 83 -15.66 -8.24 -4.23
N LEU B 84 -16.35 -7.57 -5.16
CA LEU B 84 -16.77 -6.18 -4.98
C LEU B 84 -17.96 -6.08 -4.04
N GLY B 85 -17.98 -4.97 -3.30
CA GLY B 85 -19.04 -4.68 -2.35
C GLY B 85 -18.88 -3.27 -1.83
N THR B 86 -19.84 -2.81 -1.02
CA THR B 86 -19.74 -1.52 -0.38
C THR B 86 -19.94 -1.61 1.14
N ASP B 87 -19.34 -0.67 1.87
CA ASP B 87 -19.47 -0.61 3.33
C ASP B 87 -19.06 0.78 3.83
N LEU B 88 -19.30 1.02 5.10
CA LEU B 88 -18.94 2.28 5.74
C LEU B 88 -17.45 2.30 6.03
N VAL B 89 -16.82 3.43 5.77
CA VAL B 89 -15.39 3.58 5.95
C VAL B 89 -15.07 4.88 6.67
N SER B 90 -14.13 4.81 7.62
CA SER B 90 -13.65 5.99 8.34
C SER B 90 -12.13 5.95 8.48
N ILE B 91 -11.56 7.11 8.76
CA ILE B 91 -10.13 7.25 8.97
C ILE B 91 -9.90 7.91 10.34
N PRO B 92 -9.53 7.11 11.35
CA PRO B 92 -9.38 7.54 12.75
C PRO B 92 -8.49 8.77 12.91
N HIS B 93 -7.35 8.81 12.22
CA HIS B 93 -6.46 9.95 12.29
C HIS B 93 -6.57 10.74 11.00
N GLY B 94 -7.81 10.93 10.55
CA GLY B 94 -8.10 11.77 9.40
C GLY B 94 -9.25 12.71 9.72
N PRO B 95 -10.02 13.08 8.69
CA PRO B 95 -11.20 13.95 8.88
C PRO B 95 -12.29 13.22 9.64
N ASN B 96 -13.01 13.94 10.49
CA ASN B 96 -14.07 13.32 11.29
C ASN B 96 -15.35 13.07 10.50
N VAL B 97 -15.27 12.15 9.55
CA VAL B 97 -16.41 11.79 8.71
C VAL B 97 -16.48 10.28 8.50
N THR B 98 -17.64 9.81 8.09
CA THR B 98 -17.82 8.40 7.73
C THR B 98 -18.49 8.34 6.36
N VAL B 99 -17.93 7.58 5.43
CA VAL B 99 -18.47 7.51 4.09
C VAL B 99 -18.74 6.07 3.64
N ARG B 100 -19.70 5.91 2.73
CA ARG B 100 -19.95 4.62 2.11
C ARG B 100 -19.11 4.53 0.84
N ALA B 101 -18.21 3.56 0.80
CA ALA B 101 -17.29 3.43 -0.32
C ALA B 101 -17.30 2.05 -0.94
N ASN B 102 -16.88 1.98 -2.20
CA ASN B 102 -16.66 0.72 -2.86
C ASN B 102 -15.46 0.01 -2.22
N ILE B 103 -15.63 -1.28 -1.93
CA ILE B 103 -14.56 -2.06 -1.34
C ILE B 103 -14.36 -3.40 -2.05
N ALA B 104 -13.12 -3.68 -2.46
CA ALA B 104 -12.82 -4.98 -3.02
C ALA B 104 -12.32 -5.92 -1.93
N ALA B 105 -13.10 -6.96 -1.66
CA ALA B 105 -12.74 -7.98 -0.68
C ALA B 105 -11.79 -9.00 -1.32
N ILE B 106 -10.51 -8.90 -1.03
CA ILE B 106 -9.49 -9.76 -1.63
C ILE B 106 -9.61 -11.21 -1.19
N THR B 107 -9.88 -12.10 -2.15
CA THR B 107 -10.01 -13.51 -1.86
C THR B 107 -8.78 -14.32 -2.28
N GLU B 108 -8.07 -13.88 -3.31
CA GLU B 108 -6.86 -14.56 -3.76
C GLU B 108 -5.82 -13.57 -4.28
N SER B 109 -4.55 -13.85 -4.00
CA SER B 109 -3.48 -12.94 -4.38
C SER B 109 -2.16 -13.67 -4.65
N ASP B 110 -1.27 -12.98 -5.35
CA ASP B 110 0.04 -13.50 -5.70
C ASP B 110 1.12 -12.43 -5.52
N LYS B 111 2.02 -12.65 -4.55
CA LYS B 111 3.12 -11.73 -4.28
C LYS B 111 2.66 -10.29 -4.04
N PHE B 112 1.48 -10.14 -3.46
CA PHE B 112 0.94 -8.83 -3.14
C PHE B 112 1.22 -8.49 -1.67
N PHE B 113 0.66 -9.28 -0.77
CA PHE B 113 0.92 -9.13 0.66
C PHE B 113 2.36 -9.49 0.99
N ILE B 114 2.97 -8.73 1.89
CA ILE B 114 4.36 -8.94 2.27
C ILE B 114 4.45 -9.46 3.70
N ASN B 115 5.30 -10.46 3.92
CA ASN B 115 5.41 -11.07 5.24
C ASN B 115 5.81 -10.07 6.33
N GLY B 116 4.91 -9.85 7.28
CA GLY B 116 5.19 -8.98 8.41
C GLY B 116 5.25 -7.50 8.07
N SER B 117 4.51 -7.08 7.05
CA SER B 117 4.53 -5.68 6.63
C SER B 117 3.64 -4.78 7.48
N ASN B 118 2.72 -5.41 8.22
CA ASN B 118 1.77 -4.74 9.12
C ASN B 118 0.65 -3.97 8.40
N TRP B 119 0.54 -4.11 7.07
CA TRP B 119 -0.65 -3.59 6.37
C TRP B 119 -1.44 -4.73 5.72
N GLU B 120 -2.76 -4.54 5.62
CA GLU B 120 -3.65 -5.60 5.16
C GLU B 120 -4.56 -5.16 4.02
N GLY B 121 -4.28 -4.00 3.44
CA GLY B 121 -5.10 -3.48 2.35
C GLY B 121 -4.39 -2.39 1.57
N ILE B 122 -5.06 -1.86 0.56
CA ILE B 122 -4.48 -0.81 -0.26
C ILE B 122 -5.51 0.27 -0.59
N LEU B 123 -5.08 1.53 -0.53
CA LEU B 123 -5.96 2.65 -0.84
C LEU B 123 -5.49 3.35 -2.10
N GLY B 124 -6.13 3.03 -3.23
CA GLY B 124 -5.80 3.66 -4.49
C GLY B 124 -6.37 5.06 -4.57
N LEU B 125 -5.49 6.05 -4.64
CA LEU B 125 -5.90 7.46 -4.58
C LEU B 125 -5.93 8.15 -5.94
N ALA B 126 -5.62 7.42 -7.01
CA ALA B 126 -5.68 8.00 -8.35
C ALA B 126 -7.11 8.02 -8.88
N TYR B 127 -7.25 8.40 -10.13
CA TYR B 127 -8.51 8.63 -10.77
C TYR B 127 -9.23 7.40 -11.29
N ALA B 128 -10.51 7.56 -11.57
CA ALA B 128 -11.41 6.50 -11.98
C ALA B 128 -10.98 5.79 -13.27
N GLU B 129 -10.37 6.51 -14.17
CA GLU B 129 -9.97 6.04 -15.47
C GLU B 129 -9.06 4.84 -15.41
N ILE B 130 -8.29 4.70 -14.36
CA ILE B 130 -7.52 3.49 -14.14
C ILE B 130 -8.06 2.49 -13.11
N ALA B 131 -9.25 2.70 -12.59
CA ALA B 131 -9.90 1.75 -11.72
C ALA B 131 -10.33 0.46 -12.41
N ARG B 132 -10.24 -0.65 -11.71
CA ARG B 132 -10.79 -1.91 -12.20
C ARG B 132 -12.12 -2.18 -11.50
N PRO B 133 -13.09 -2.80 -12.21
CA PRO B 133 -13.00 -3.30 -13.59
C PRO B 133 -13.03 -2.17 -14.63
N ASP B 134 -13.65 -1.06 -14.30
CA ASP B 134 -13.70 0.08 -15.22
C ASP B 134 -13.95 1.37 -14.45
N ASP B 135 -14.11 2.47 -15.18
CA ASP B 135 -14.18 3.78 -14.55
C ASP B 135 -15.54 4.06 -13.92
N SER B 136 -16.43 3.07 -13.90
CA SER B 136 -17.72 3.24 -13.25
C SER B 136 -17.59 2.93 -11.76
N LEU B 137 -16.55 2.19 -11.38
CA LEU B 137 -16.29 1.93 -9.97
C LEU B 137 -15.59 3.13 -9.31
N GLU B 138 -16.40 3.96 -8.66
CA GLU B 138 -15.93 5.19 -8.03
C GLU B 138 -14.85 4.94 -6.97
N PRO B 139 -13.66 5.55 -7.15
CA PRO B 139 -12.58 5.46 -6.17
C PRO B 139 -12.94 6.09 -4.83
N PHE B 140 -12.22 5.72 -3.78
CA PHE B 140 -12.53 6.16 -2.41
C PHE B 140 -12.55 7.68 -2.25
N PHE B 141 -11.50 8.35 -2.74
CA PHE B 141 -11.39 9.79 -2.51
C PHE B 141 -12.51 10.56 -3.21
N ASP B 142 -12.96 10.04 -4.36
CA ASP B 142 -14.09 10.63 -5.06
C ASP B 142 -15.35 10.50 -4.20
N SER B 143 -15.53 9.34 -3.58
CA SER B 143 -16.67 9.13 -2.68
C SER B 143 -16.58 10.04 -1.47
N LEU B 144 -15.37 10.22 -0.94
CA LEU B 144 -15.15 11.05 0.23
C LEU B 144 -15.58 12.49 -0.07
N VAL B 145 -15.13 13.00 -1.21
CA VAL B 145 -15.43 14.37 -1.61
C VAL B 145 -16.92 14.57 -1.93
N LYS B 146 -17.57 13.59 -2.55
CA LYS B 146 -18.99 13.74 -2.86
C LYS B 146 -19.89 13.72 -1.63
N GLN B 147 -19.53 12.91 -0.64
CA GLN B 147 -20.40 12.71 0.52
C GLN B 147 -20.12 13.64 1.69
N THR B 148 -18.99 14.35 1.64
CA THR B 148 -18.63 15.25 2.73
C THR B 148 -18.31 16.66 2.23
N HIS B 149 -17.76 17.48 3.12
CA HIS B 149 -17.36 18.83 2.77
C HIS B 149 -15.83 18.94 2.70
N VAL B 150 -15.17 17.79 2.72
CA VAL B 150 -13.71 17.72 2.59
C VAL B 150 -13.28 18.24 1.22
N PRO B 151 -12.42 19.28 1.20
CA PRO B 151 -11.89 19.85 -0.03
C PRO B 151 -11.19 18.79 -0.90
N ASN B 152 -11.28 18.97 -2.22
CA ASN B 152 -10.75 18.01 -3.17
C ASN B 152 -9.24 18.12 -3.32
N LEU B 153 -8.51 17.76 -2.26
CA LEU B 153 -7.07 17.91 -2.20
C LEU B 153 -6.55 17.05 -1.06
N PHE B 154 -5.37 16.46 -1.23
CA PHE B 154 -4.66 15.83 -0.14
C PHE B 154 -3.17 16.02 -0.35
N SER B 155 -2.39 15.95 0.73
CA SER B 155 -0.95 16.12 0.64
C SER B 155 -0.21 15.01 1.39
N LEU B 156 0.97 14.67 0.88
CA LEU B 156 1.77 13.59 1.45
C LEU B 156 3.17 14.04 1.82
N GLN B 157 3.55 13.79 3.07
CA GLN B 157 4.93 13.95 3.52
C GLN B 157 5.48 12.57 3.88
N LEU B 158 6.27 11.99 2.99
CA LEU B 158 6.88 10.68 3.27
C LEU B 158 8.28 10.87 3.81
N CYS B 159 8.55 10.31 4.98
CA CYS B 159 9.85 10.50 5.60
C CYS B 159 10.70 9.24 5.54
N GLY B 160 11.98 9.42 5.26
CA GLY B 160 12.90 8.30 5.19
C GLY B 160 13.26 7.78 6.57
N SER B 173 12.24 0.90 8.90
CA SER B 173 11.03 1.44 9.53
C SER B 173 10.88 2.96 9.28
N VAL B 174 9.73 3.36 8.76
CA VAL B 174 9.52 4.73 8.28
C VAL B 174 8.23 5.33 8.80
N GLY B 175 8.06 6.64 8.59
CA GLY B 175 6.86 7.36 9.00
C GLY B 175 6.54 8.50 8.06
N GLY B 176 5.44 9.19 8.33
CA GLY B 176 5.04 10.33 7.54
C GLY B 176 3.66 10.87 7.85
N SER B 177 3.14 11.74 6.99
CA SER B 177 1.83 12.35 7.20
C SER B 177 1.01 12.37 5.92
N MET B 178 -0.27 12.00 6.05
CA MET B 178 -1.23 12.23 4.99
C MET B 178 -2.29 13.20 5.46
N ILE B 179 -2.21 14.43 4.95
CA ILE B 179 -3.16 15.47 5.26
C ILE B 179 -4.32 15.44 4.27
N ILE B 180 -5.50 15.06 4.76
CA ILE B 180 -6.66 14.95 3.90
C ILE B 180 -7.47 16.22 3.93
N GLY B 181 -7.59 16.88 2.78
CA GLY B 181 -8.42 18.07 2.68
C GLY B 181 -7.64 19.37 2.75
N GLY B 182 -6.31 19.30 2.77
CA GLY B 182 -5.54 20.53 2.84
C GLY B 182 -4.03 20.44 2.91
N ILE B 183 -3.43 21.58 3.27
CA ILE B 183 -2.00 21.75 3.34
C ILE B 183 -1.58 22.16 4.76
N ASP B 184 -0.65 21.41 5.34
CA ASP B 184 -0.12 21.72 6.67
C ASP B 184 1.27 22.36 6.56
N HIS B 185 1.38 23.61 7.00
CA HIS B 185 2.62 24.37 6.82
C HIS B 185 3.79 23.94 7.70
N SER B 186 3.54 23.11 8.70
CA SER B 186 4.63 22.66 9.55
C SER B 186 5.40 21.54 8.85
N LEU B 187 4.87 21.07 7.72
CA LEU B 187 5.47 19.92 7.06
C LEU B 187 6.47 20.30 5.96
N TYR B 188 6.61 21.59 5.68
CA TYR B 188 7.55 22.01 4.65
C TYR B 188 8.19 23.38 4.92
N THR B 189 9.30 23.65 4.24
CA THR B 189 9.95 24.96 4.28
C THR B 189 9.99 25.53 2.86
N GLY B 190 10.17 26.84 2.75
CA GLY B 190 10.23 27.50 1.45
C GLY B 190 8.89 27.58 0.76
N SER B 191 8.92 27.72 -0.56
CA SER B 191 7.71 27.91 -1.35
C SER B 191 7.26 26.63 -2.04
N LEU B 192 5.96 26.54 -2.28
CA LEU B 192 5.39 25.46 -3.08
C LEU B 192 5.50 25.79 -4.57
N TRP B 193 5.92 24.81 -5.35
CA TRP B 193 5.98 24.95 -6.80
C TRP B 193 5.08 23.91 -7.46
N TYR B 194 4.24 24.34 -8.40
CA TYR B 194 3.22 23.47 -8.97
C TYR B 194 3.44 23.06 -10.43
N THR B 195 3.21 21.79 -10.71
CA THR B 195 3.25 21.27 -12.06
C THR B 195 1.86 20.75 -12.41
N PRO B 196 1.44 20.93 -13.67
CA PRO B 196 0.09 20.50 -14.04
C PRO B 196 -0.07 18.98 -14.04
N ILE B 197 -1.25 18.53 -13.67
CA ILE B 197 -1.67 17.15 -13.94
C ILE B 197 -2.09 17.06 -15.41
N ARG B 198 -1.34 16.36 -16.23
CA ARG B 198 -1.57 16.39 -17.66
C ARG B 198 -2.93 15.83 -18.02
N ARG B 199 -3.27 14.73 -17.41
CA ARG B 199 -4.51 14.05 -17.62
C ARG B 199 -4.87 13.31 -16.34
N GLU B 200 -6.13 13.26 -15.99
CA GLU B 200 -6.55 12.62 -14.76
C GLU B 200 -6.77 11.13 -14.89
N TRP B 201 -5.70 10.38 -14.82
CA TRP B 201 -5.80 8.97 -14.70
C TRP B 201 -4.88 8.48 -13.64
N TYR B 202 -3.62 8.27 -13.96
CA TYR B 202 -2.56 8.32 -12.99
C TYR B 202 -2.33 9.78 -12.69
N TYR B 203 -1.52 10.06 -11.68
CA TYR B 203 -1.10 11.43 -11.47
C TYR B 203 0.05 11.70 -12.43
N GLU B 204 -0.29 11.98 -13.69
CA GLU B 204 0.71 12.14 -14.75
C GLU B 204 1.26 13.56 -14.83
N VAL B 205 2.58 13.68 -14.97
CA VAL B 205 3.22 14.97 -15.09
C VAL B 205 4.20 14.96 -16.27
N ILE B 206 4.77 16.12 -16.59
CA ILE B 206 5.73 16.19 -17.68
C ILE B 206 7.09 16.71 -17.21
N ILE B 207 8.12 15.89 -17.43
CA ILE B 207 9.51 16.23 -17.15
C ILE B 207 10.10 16.88 -18.39
N VAL B 208 10.68 18.08 -18.22
CA VAL B 208 11.16 18.82 -19.38
C VAL B 208 12.69 18.85 -19.49
N ARG B 209 13.36 18.55 -18.38
CA ARG B 209 14.83 18.52 -18.32
C ARG B 209 15.27 17.60 -17.20
N VAL B 210 16.42 16.95 -17.38
CA VAL B 210 17.04 16.15 -16.33
C VAL B 210 18.52 16.55 -16.22
N GLU B 211 18.96 16.84 -15.00
CA GLU B 211 20.35 17.19 -14.74
C GLU B 211 20.96 16.25 -13.72
N ILE B 212 22.21 15.87 -13.98
CA ILE B 212 22.98 15.08 -13.01
C ILE B 212 24.21 15.88 -12.60
N ASN B 213 24.26 16.26 -11.33
CA ASN B 213 25.29 17.14 -10.78
C ASN B 213 25.46 18.43 -11.56
N GLY B 214 24.33 19.00 -12.00
CA GLY B 214 24.31 20.28 -12.67
C GLY B 214 24.51 20.23 -14.18
N GLN B 215 24.76 19.04 -14.72
CA GLN B 215 24.91 18.93 -16.17
C GLN B 215 23.75 18.18 -16.81
N ASP B 216 23.24 18.77 -17.87
CA ASP B 216 22.12 18.25 -18.63
C ASP B 216 22.44 16.90 -19.25
N LEU B 217 21.49 15.96 -19.17
CA LEU B 217 21.61 14.68 -19.86
C LEU B 217 21.53 14.91 -21.36
N LYS B 218 20.94 16.06 -21.74
CA LYS B 218 20.87 16.50 -23.13
C LYS B 218 20.20 15.49 -24.05
N MET B 219 19.17 14.82 -23.52
CA MET B 219 18.33 13.92 -24.30
C MET B 219 17.12 14.67 -24.83
N ASP B 220 16.47 14.12 -25.84
CA ASP B 220 15.16 14.63 -26.24
C ASP B 220 14.24 14.49 -25.03
N CYS B 221 13.56 15.57 -24.66
CA CYS B 221 12.74 15.57 -23.44
C CYS B 221 11.63 14.51 -23.51
N LYS B 222 11.23 14.13 -24.72
CA LYS B 222 10.22 13.08 -24.87
C LYS B 222 10.67 11.76 -24.25
N GLU B 223 11.97 11.49 -24.27
CA GLU B 223 12.50 10.27 -23.70
C GLU B 223 12.24 10.18 -22.19
N TYR B 224 12.22 11.34 -21.54
CA TYR B 224 11.97 11.43 -20.10
C TYR B 224 10.54 11.01 -19.75
N ASN B 225 9.62 11.21 -20.68
CA ASN B 225 8.22 10.87 -20.44
C ASN B 225 7.73 9.80 -21.41
N TYR B 226 8.66 9.02 -21.94
CA TYR B 226 8.30 7.97 -22.90
C TYR B 226 7.36 6.95 -22.30
N ASP B 227 6.18 6.90 -22.91
CA ASP B 227 4.94 6.33 -22.40
C ASP B 227 4.30 7.36 -21.46
N LYS B 228 4.88 7.57 -20.28
CA LYS B 228 4.31 8.50 -19.30
C LYS B 228 5.25 8.77 -18.12
N SER B 229 4.91 9.78 -17.33
CA SER B 229 5.60 10.06 -16.07
C SER B 229 4.54 10.22 -14.98
N ILE B 230 4.66 9.45 -13.91
CA ILE B 230 3.65 9.46 -12.86
C ILE B 230 4.23 9.66 -11.46
N VAL B 231 3.41 10.18 -10.55
CA VAL B 231 3.81 10.29 -9.15
C VAL B 231 3.15 9.15 -8.38
N ASP B 232 3.97 8.24 -7.87
CA ASP B 232 3.46 6.98 -7.30
C ASP B 232 4.04 6.69 -5.91
N SER B 233 3.25 6.96 -4.89
CA SER B 233 3.67 6.72 -3.52
C SER B 233 3.76 5.23 -3.20
N GLY B 234 3.18 4.40 -4.07
CA GLY B 234 3.20 2.97 -3.88
C GLY B 234 4.49 2.31 -4.37
N THR B 235 5.29 3.08 -5.11
CA THR B 235 6.57 2.58 -5.62
C THR B 235 7.74 3.06 -4.77
N THR B 236 8.67 2.15 -4.52
CA THR B 236 9.85 2.44 -3.72
C THR B 236 10.84 3.35 -4.46
N ASN B 237 11.13 2.98 -5.70
CA ASN B 237 12.22 3.59 -6.45
C ASN B 237 11.87 4.81 -7.29
N LEU B 238 12.91 5.48 -7.76
CA LEU B 238 12.80 6.36 -8.92
C LEU B 238 13.06 5.47 -10.14
N ARG B 239 12.01 5.25 -10.91
CA ARG B 239 12.09 4.37 -12.08
C ARG B 239 12.18 5.18 -13.37
N LEU B 240 13.13 4.83 -14.22
CA LEU B 240 13.37 5.58 -15.45
C LEU B 240 13.28 4.70 -16.69
N PRO B 241 12.78 5.25 -17.80
CA PRO B 241 12.78 4.52 -19.08
C PRO B 241 14.20 4.08 -19.42
N LYS B 242 14.30 2.95 -20.12
CA LYS B 242 15.58 2.27 -20.36
C LYS B 242 16.69 3.21 -20.81
N LYS B 243 16.42 4.02 -21.83
CA LYS B 243 17.43 4.89 -22.41
C LYS B 243 17.86 5.97 -21.41
N VAL B 244 16.90 6.49 -20.64
CA VAL B 244 17.20 7.49 -19.64
C VAL B 244 17.97 6.88 -18.47
N PHE B 245 17.56 5.68 -18.06
CA PHE B 245 18.20 4.96 -16.98
C PHE B 245 19.68 4.71 -17.27
N GLU B 246 19.98 4.28 -18.48
CA GLU B 246 21.36 3.98 -18.87
C GLU B 246 22.22 5.24 -18.85
N ALA B 247 21.66 6.35 -19.33
CA ALA B 247 22.38 7.62 -19.34
C ALA B 247 22.62 8.12 -17.92
N ALA B 248 21.63 7.93 -17.06
CA ALA B 248 21.72 8.37 -15.66
C ALA B 248 22.80 7.60 -14.91
N VAL B 249 22.77 6.27 -15.05
CA VAL B 249 23.74 5.40 -14.40
C VAL B 249 25.16 5.72 -14.87
N LYS B 250 25.32 5.93 -16.16
CA LYS B 250 26.62 6.27 -16.73
C LYS B 250 27.18 7.54 -16.11
N SER B 251 26.30 8.52 -15.90
CA SER B 251 26.70 9.80 -15.34
C SER B 251 27.04 9.71 -13.85
N ILE B 252 26.24 8.92 -13.11
CA ILE B 252 26.43 8.78 -11.67
C ILE B 252 27.73 8.04 -11.37
N LYS B 253 28.08 7.08 -12.21
CA LYS B 253 29.35 6.37 -12.10
C LYS B 253 30.54 7.32 -12.30
N ALA B 254 30.44 8.16 -13.32
CA ALA B 254 31.49 9.12 -13.65
C ALA B 254 31.70 10.13 -12.53
N ALA B 255 30.61 10.55 -11.90
CA ALA B 255 30.67 11.51 -10.82
C ALA B 255 31.34 10.88 -9.60
N SER B 256 31.16 9.58 -9.46
CA SER B 256 31.69 8.83 -8.32
C SER B 256 32.85 7.95 -8.75
N SER B 257 33.75 8.45 -9.54
CA SER B 257 34.90 7.66 -9.99
C SER B 257 35.84 7.29 -8.83
N THR B 258 35.68 7.96 -7.70
CA THR B 258 36.55 7.83 -6.54
C THR B 258 36.54 6.38 -6.12
N GLU B 259 35.46 5.69 -6.37
CA GLU B 259 35.32 4.32 -5.94
C GLU B 259 34.74 3.51 -7.06
N LYS B 260 34.86 2.21 -6.95
CA LYS B 260 34.32 1.32 -7.94
C LYS B 260 33.35 0.43 -7.22
N PHE B 261 32.27 0.13 -7.91
CA PHE B 261 31.20 -0.64 -7.35
C PHE B 261 30.89 -1.78 -8.28
N PRO B 262 30.61 -2.91 -7.69
CA PRO B 262 30.25 -4.11 -8.46
C PRO B 262 28.93 -3.84 -9.18
N ASP B 263 28.89 -4.15 -10.48
CA ASP B 263 27.74 -3.86 -11.34
C ASP B 263 26.39 -4.31 -10.78
N GLY B 264 26.37 -5.35 -9.95
CA GLY B 264 25.13 -5.77 -9.31
C GLY B 264 24.52 -4.71 -8.41
N PHE B 265 25.35 -3.84 -7.86
CA PHE B 265 24.86 -2.70 -7.08
C PHE B 265 24.02 -1.76 -7.95
N TRP B 266 24.50 -1.52 -9.16
CA TRP B 266 23.85 -0.61 -10.08
C TRP B 266 22.56 -1.18 -10.66
N LEU B 267 22.35 -2.48 -10.49
CA LEU B 267 21.11 -3.13 -10.91
C LEU B 267 20.19 -3.32 -9.72
N GLY B 268 20.65 -2.86 -8.55
CA GLY B 268 19.84 -2.86 -7.35
C GLY B 268 19.77 -4.21 -6.68
N GLU B 269 20.54 -5.16 -7.19
CA GLU B 269 20.56 -6.50 -6.62
C GLU B 269 21.41 -6.59 -5.36
N GLN B 270 22.56 -5.94 -5.36
CA GLN B 270 23.50 -6.09 -4.24
C GLN B 270 23.70 -4.80 -3.45
N LEU B 271 23.87 -4.92 -2.15
CA LEU B 271 24.13 -3.79 -1.28
C LEU B 271 25.53 -3.28 -1.35
N VAL B 272 25.78 -2.19 -0.65
CA VAL B 272 27.11 -1.62 -0.59
C VAL B 272 27.22 -0.99 0.74
N CYS B 273 28.37 -1.15 1.37
CA CYS B 273 28.52 -0.84 2.76
C CYS B 273 29.74 -0.02 3.06
N TRP B 274 29.66 0.69 4.16
CA TRP B 274 30.73 1.52 4.62
C TRP B 274 30.72 1.47 6.09
N GLN B 275 31.85 1.84 6.68
CA GLN B 275 31.98 1.82 8.13
C GLN B 275 30.98 2.81 8.71
N ALA B 276 30.38 2.46 9.85
CA ALA B 276 29.25 3.25 10.38
C ALA B 276 29.60 4.72 10.56
N GLY B 277 28.82 5.59 9.91
CA GLY B 277 29.04 7.03 10.01
C GLY B 277 30.05 7.57 9.00
N THR B 278 30.53 6.72 8.11
CA THR B 278 31.57 7.13 7.17
C THR B 278 31.13 7.14 5.70
N THR B 279 29.83 7.08 5.45
CA THR B 279 29.32 7.07 4.08
C THR B 279 29.77 8.33 3.33
N PRO B 280 30.42 8.13 2.17
CA PRO B 280 30.97 9.22 1.37
C PRO B 280 29.93 9.86 0.46
N TRP B 281 28.99 10.60 1.07
CA TRP B 281 27.89 11.20 0.33
C TRP B 281 28.36 12.12 -0.77
N ASN B 282 29.44 12.84 -0.49
CA ASN B 282 29.95 13.89 -1.37
C ASN B 282 30.37 13.41 -2.76
N ILE B 283 30.70 12.13 -2.88
CA ILE B 283 31.16 11.59 -4.16
C ILE B 283 29.99 11.24 -5.07
N PHE B 284 28.79 11.23 -4.51
CA PHE B 284 27.58 10.97 -5.28
C PHE B 284 26.90 12.27 -5.70
N PRO B 285 26.49 12.35 -6.97
CA PRO B 285 25.93 13.58 -7.55
C PRO B 285 24.48 13.84 -7.14
N VAL B 286 24.06 15.10 -7.22
CA VAL B 286 22.65 15.44 -7.01
C VAL B 286 21.92 15.24 -8.33
N ILE B 287 20.63 14.93 -8.23
CA ILE B 287 19.79 14.73 -9.42
C ILE B 287 18.65 15.72 -9.46
N SER B 288 18.54 16.44 -10.57
CA SER B 288 17.48 17.43 -10.75
C SER B 288 16.51 17.05 -11.86
N LEU B 289 15.22 17.05 -11.52
CA LEU B 289 14.17 16.91 -12.54
C LEU B 289 13.48 18.25 -12.71
N TYR B 290 13.49 18.78 -13.94
CA TYR B 290 12.76 20.01 -14.24
C TYR B 290 11.34 19.64 -14.68
N LEU B 291 10.35 20.23 -14.01
CA LEU B 291 8.94 19.98 -14.28
C LEU B 291 8.25 21.14 -14.95
N MET B 292 7.29 20.85 -15.82
CA MET B 292 6.47 21.89 -16.44
C MET B 292 5.78 22.73 -15.35
N GLY B 293 5.86 24.05 -15.52
CA GLY B 293 5.29 25.00 -14.58
C GLY B 293 3.87 25.43 -14.88
N GLU B 294 3.41 26.44 -14.16
CA GLU B 294 2.06 26.99 -14.29
C GLU B 294 1.87 28.08 -15.36
N VAL B 295 2.92 28.81 -15.69
CA VAL B 295 2.82 29.89 -16.69
C VAL B 295 3.64 29.62 -17.96
N THR B 296 3.34 30.35 -19.03
CA THR B 296 3.91 30.09 -20.35
C THR B 296 5.44 30.04 -20.33
N ASN B 297 6.00 28.97 -20.90
CA ASN B 297 7.46 28.81 -21.02
C ASN B 297 8.21 28.79 -19.68
N GLN B 298 7.52 28.41 -18.61
CA GLN B 298 8.13 28.39 -17.27
C GLN B 298 8.14 27.01 -16.64
N SER B 299 9.33 26.59 -16.23
CA SER B 299 9.52 25.36 -15.47
C SER B 299 10.05 25.65 -14.05
N PHE B 300 10.20 24.60 -13.27
CA PHE B 300 10.88 24.69 -11.97
C PHE B 300 11.66 23.39 -11.78
N ARG B 301 12.53 23.36 -10.79
CA ARG B 301 13.41 22.24 -10.59
C ARG B 301 13.25 21.62 -9.20
N ILE B 302 13.22 20.28 -9.14
CA ILE B 302 13.32 19.60 -7.86
C ILE B 302 14.63 18.81 -7.84
N THR B 303 15.38 18.95 -6.75
CA THR B 303 16.68 18.30 -6.64
C THR B 303 16.75 17.34 -5.46
N ILE B 304 17.16 16.10 -5.72
CA ILE B 304 17.31 15.10 -4.67
C ILE B 304 18.77 14.74 -4.42
N LEU B 305 19.05 14.30 -3.20
CA LEU B 305 20.39 13.93 -2.76
C LEU B 305 20.61 12.41 -2.81
N PRO B 306 21.88 11.97 -2.75
CA PRO B 306 22.14 10.54 -2.62
C PRO B 306 21.45 9.95 -1.38
N GLN B 307 21.19 10.80 -0.39
CA GLN B 307 20.45 10.36 0.79
C GLN B 307 19.03 9.90 0.42
N GLN B 308 18.56 10.29 -0.77
CA GLN B 308 17.24 9.85 -1.23
C GLN B 308 17.32 8.60 -2.12
N TYR B 309 18.28 8.54 -3.05
CA TYR B 309 18.31 7.42 -3.97
C TYR B 309 19.27 6.28 -3.56
N LEU B 310 19.80 6.37 -2.36
CA LEU B 310 20.53 5.26 -1.75
C LEU B 310 19.76 4.79 -0.51
N ARG B 311 18.93 3.76 -0.69
CA ARG B 311 18.03 3.31 0.36
C ARG B 311 18.77 2.43 1.37
N PRO B 312 18.65 2.77 2.64
CA PRO B 312 19.33 2.02 3.70
C PRO B 312 18.73 0.67 3.94
N VAL B 313 19.60 -0.33 4.00
CA VAL B 313 19.21 -1.69 4.35
C VAL B 313 20.20 -2.24 5.35
N ASP B 322 26.61 0.41 8.00
CA ASP B 322 25.77 1.26 7.16
C ASP B 322 25.75 0.75 5.74
N CYS B 323 24.75 -0.03 5.41
CA CYS B 323 24.63 -0.54 4.06
C CYS B 323 23.43 0.07 3.31
N TYR B 324 23.54 0.17 1.99
CA TYR B 324 22.51 0.76 1.16
C TYR B 324 22.32 0.05 -0.16
N LYS B 325 21.11 0.10 -0.67
CA LYS B 325 20.78 -0.35 -2.02
C LYS B 325 20.52 0.82 -2.99
N PHE B 326 20.96 0.70 -4.23
CA PHE B 326 20.74 1.70 -5.27
C PHE B 326 19.26 1.69 -5.65
N ALA B 327 18.54 2.76 -5.33
CA ALA B 327 17.09 2.80 -5.51
C ALA B 327 16.65 3.57 -6.76
N ILE B 328 17.50 3.55 -7.79
CA ILE B 328 17.11 4.02 -9.11
C ILE B 328 17.11 2.82 -10.04
N SER B 329 15.97 2.53 -10.65
CA SER B 329 15.86 1.32 -11.46
C SER B 329 15.18 1.56 -12.80
N GLN B 330 15.20 0.54 -13.64
CA GLN B 330 14.74 0.61 -15.02
C GLN B 330 13.24 0.34 -15.15
N SER B 331 12.63 0.98 -16.14
CA SER B 331 11.20 0.80 -16.41
C SER B 331 10.92 0.70 -17.90
N SER B 332 9.86 -0.02 -18.26
CA SER B 332 9.44 -0.11 -19.65
C SER B 332 8.06 0.54 -19.84
N THR B 333 7.54 1.12 -18.76
CA THR B 333 6.22 1.76 -18.80
C THR B 333 6.29 3.22 -18.35
N GLY B 334 7.45 3.85 -18.55
CA GLY B 334 7.61 5.26 -18.26
C GLY B 334 8.26 5.58 -16.94
N THR B 335 8.44 6.87 -16.66
CA THR B 335 9.04 7.33 -15.43
C THR B 335 8.07 7.15 -14.26
N VAL B 336 8.57 6.60 -13.17
CA VAL B 336 7.79 6.50 -11.94
C VAL B 336 8.50 7.26 -10.83
N MET B 337 7.88 8.36 -10.37
CA MET B 337 8.43 9.10 -9.25
C MET B 337 7.91 8.51 -7.95
N GLY B 338 8.65 7.55 -7.41
CA GLY B 338 8.27 6.83 -6.21
C GLY B 338 8.81 7.49 -4.95
N ALA B 339 8.95 6.69 -3.90
CA ALA B 339 9.35 7.19 -2.58
C ALA B 339 10.69 7.92 -2.61
N VAL B 340 11.58 7.48 -3.50
CA VAL B 340 12.88 8.12 -3.67
C VAL B 340 12.73 9.60 -3.97
N ILE B 341 11.73 9.94 -4.79
CA ILE B 341 11.44 11.34 -5.08
C ILE B 341 10.65 11.99 -3.96
N MET B 342 9.59 11.32 -3.51
CA MET B 342 8.68 11.93 -2.57
C MET B 342 9.27 12.16 -1.18
N GLU B 343 10.29 11.38 -0.82
CA GLU B 343 10.87 11.50 0.51
C GLU B 343 11.65 12.81 0.67
N GLY B 344 12.01 13.44 -0.45
CA GLY B 344 12.71 14.70 -0.34
C GLY B 344 11.77 15.88 -0.28
N PHE B 345 10.49 15.62 -0.54
CA PHE B 345 9.52 16.72 -0.69
C PHE B 345 8.17 16.56 0.02
N TYR B 346 7.52 17.68 0.29
CA TYR B 346 6.12 17.69 0.66
C TYR B 346 5.33 17.83 -0.63
N VAL B 347 4.52 16.83 -0.94
CA VAL B 347 3.82 16.74 -2.22
C VAL B 347 2.32 16.97 -2.09
N VAL B 348 1.82 18.01 -2.75
CA VAL B 348 0.42 18.38 -2.67
C VAL B 348 -0.34 17.92 -3.92
N PHE B 349 -1.30 17.02 -3.72
CA PHE B 349 -2.13 16.52 -4.79
C PHE B 349 -3.40 17.39 -4.89
N ASP B 350 -3.27 18.50 -5.60
CA ASP B 350 -4.34 19.49 -5.73
C ASP B 350 -5.27 19.10 -6.86
N ARG B 351 -6.16 18.15 -6.56
CA ARG B 351 -7.08 17.65 -7.57
C ARG B 351 -8.00 18.77 -8.04
N ALA B 352 -8.38 19.64 -7.11
CA ALA B 352 -9.31 20.73 -7.41
C ALA B 352 -8.78 21.67 -8.49
N ARG B 353 -7.47 21.93 -8.49
CA ARG B 353 -6.89 22.83 -9.48
C ARG B 353 -6.02 22.07 -10.48
N LYS B 354 -6.17 20.75 -10.50
CA LYS B 354 -5.51 19.87 -11.46
C LYS B 354 -4.00 20.10 -11.53
N ARG B 355 -3.35 20.09 -10.38
CA ARG B 355 -1.92 20.36 -10.29
C ARG B 355 -1.31 19.63 -9.10
N ILE B 356 0.00 19.42 -9.17
CA ILE B 356 0.75 18.78 -8.09
C ILE B 356 1.83 19.73 -7.59
N GLY B 357 1.83 19.97 -6.28
CA GLY B 357 2.79 20.89 -5.67
C GLY B 357 3.95 20.20 -4.99
N PHE B 358 5.12 20.79 -5.11
CA PHE B 358 6.34 20.31 -4.48
C PHE B 358 6.95 21.40 -3.61
N ALA B 359 7.40 21.01 -2.42
CA ALA B 359 8.16 21.91 -1.55
C ALA B 359 9.13 21.05 -0.76
N VAL B 360 10.24 21.66 -0.37
CA VAL B 360 11.26 20.96 0.41
C VAL B 360 10.63 20.44 1.69
N SER B 361 10.74 19.14 1.92
CA SER B 361 10.14 18.54 3.10
C SER B 361 10.90 18.92 4.36
N ALA B 362 10.17 19.10 5.44
CA ALA B 362 10.77 19.42 6.73
C ALA B 362 11.44 18.19 7.35
N CYS B 363 11.07 16.99 6.89
CA CYS B 363 11.72 15.79 7.40
C CYS B 363 12.66 15.07 6.42
N HIS B 364 13.34 15.75 5.52
CA HIS B 364 14.06 14.96 4.53
C HIS B 364 15.50 14.80 5.01
N VAL B 365 16.09 13.66 4.67
CA VAL B 365 17.44 13.34 5.09
C VAL B 365 18.47 14.04 4.22
N HIS B 366 19.38 14.75 4.88
CA HIS B 366 20.35 15.59 4.20
C HIS B 366 21.59 15.69 5.07
N ASP B 367 22.71 16.09 4.46
CA ASP B 367 23.93 16.36 5.21
C ASP B 367 24.16 17.86 5.38
N GLU B 368 25.20 18.17 6.14
CA GLU B 368 25.57 19.53 6.49
C GLU B 368 25.98 20.34 5.26
N PHE B 369 26.30 19.67 4.15
CA PHE B 369 26.85 20.38 2.99
C PHE B 369 25.84 20.54 1.85
N ARG B 370 24.87 19.63 1.76
CA ARG B 370 23.86 19.73 0.70
C ARG B 370 22.44 19.50 1.24
N THR B 371 21.46 19.97 0.49
CA THR B 371 20.05 19.85 0.88
C THR B 371 19.17 19.66 -0.36
N ALA B 372 18.10 18.90 -0.21
CA ALA B 372 17.10 18.79 -1.27
C ALA B 372 16.50 20.17 -1.51
N ALA B 373 16.12 20.46 -2.75
CA ALA B 373 15.68 21.80 -3.09
C ALA B 373 14.55 21.82 -4.12
N VAL B 374 13.74 22.87 -4.06
CA VAL B 374 12.75 23.17 -5.09
C VAL B 374 13.00 24.61 -5.52
N GLU B 375 13.43 24.79 -6.76
CA GLU B 375 13.88 26.09 -7.24
C GLU B 375 13.21 26.50 -8.55
N GLY B 376 12.88 27.78 -8.66
CA GLY B 376 12.30 28.34 -9.87
C GLY B 376 12.22 29.85 -9.79
N PRO B 377 11.76 30.51 -10.86
CA PRO B 377 11.35 29.89 -12.12
C PRO B 377 12.52 29.67 -13.06
N PHE B 378 12.33 28.79 -14.02
CA PHE B 378 13.24 28.59 -15.14
C PHE B 378 12.44 28.80 -16.41
N VAL B 379 13.11 29.15 -17.50
CA VAL B 379 12.45 29.26 -18.80
C VAL B 379 12.69 28.00 -19.63
N THR B 380 11.62 27.41 -20.14
CA THR B 380 11.76 26.23 -21.01
C THR B 380 10.75 26.34 -22.14
N LEU B 381 11.24 26.20 -23.38
CA LEU B 381 10.40 26.26 -24.56
C LEU B 381 9.78 24.91 -24.93
N ASP B 382 8.65 24.96 -25.64
CA ASP B 382 7.98 23.76 -26.16
C ASP B 382 7.78 22.65 -25.12
N MET B 383 7.35 23.00 -23.93
CA MET B 383 7.23 22.00 -22.87
C MET B 383 6.17 20.94 -23.17
N GLU B 384 5.15 21.34 -23.94
CA GLU B 384 4.07 20.43 -24.29
C GLU B 384 4.57 19.29 -25.18
N ASP B 385 5.59 19.57 -26.00
CA ASP B 385 6.13 18.58 -26.91
C ASP B 385 6.91 17.48 -26.17
N CYS B 386 7.14 17.66 -24.87
CA CYS B 386 7.92 16.68 -24.12
C CYS B 386 6.99 15.53 -23.76
N GLY B 387 5.70 15.82 -23.75
CA GLY B 387 4.70 14.81 -23.45
C GLY B 387 4.58 13.77 -24.56
N TYR B 388 4.49 12.51 -24.16
CA TYR B 388 4.29 11.41 -25.08
C TYR B 388 2.86 11.32 -25.60
N ASN B 389 2.74 10.87 -26.85
CA ASN B 389 1.47 10.77 -27.54
C ASN B 389 1.43 9.50 -28.42
N ILE B 390 0.23 8.94 -28.62
CA ILE B 390 0.10 7.80 -29.52
C ILE B 390 -1.16 7.90 -30.37
N SER C 2 -3.82 -20.99 -6.62
CA SER C 2 -4.65 -19.91 -7.14
C SER C 2 -4.34 -19.65 -8.63
N PHE C 3 -5.41 -19.45 -9.40
CA PHE C 3 -5.35 -19.18 -10.83
C PHE C 3 -5.08 -17.71 -11.19
N VAL C 4 -5.00 -16.85 -10.18
CA VAL C 4 -4.84 -15.41 -10.39
C VAL C 4 -3.62 -15.08 -11.29
N GLU C 5 -2.62 -15.95 -11.29
CA GLU C 5 -1.43 -15.77 -12.14
C GLU C 5 -1.74 -15.86 -13.64
N MET C 6 -2.82 -16.55 -13.99
CA MET C 6 -3.14 -16.78 -15.39
C MET C 6 -4.19 -15.82 -15.95
N VAL C 7 -4.76 -14.98 -15.08
CA VAL C 7 -5.74 -13.99 -15.52
C VAL C 7 -5.09 -12.97 -16.46
N ASP C 8 -5.79 -12.64 -17.55
CA ASP C 8 -5.33 -11.66 -18.52
C ASP C 8 -4.06 -12.10 -19.28
N ASN C 9 -3.93 -13.40 -19.54
CA ASN C 9 -2.76 -13.90 -20.23
C ASN C 9 -2.98 -14.01 -21.74
N LEU C 10 -4.12 -13.50 -22.21
CA LEU C 10 -4.43 -13.53 -23.64
C LEU C 10 -4.45 -12.15 -24.25
N ARG C 11 -3.94 -12.05 -25.48
CA ARG C 11 -3.98 -10.82 -26.25
C ARG C 11 -4.39 -11.13 -27.69
N GLY C 12 -4.64 -10.10 -28.48
CA GLY C 12 -4.96 -10.30 -29.87
C GLY C 12 -5.54 -9.08 -30.56
N LYS C 13 -5.70 -9.21 -31.87
CA LYS C 13 -6.38 -8.20 -32.67
C LYS C 13 -7.73 -8.72 -33.15
N SER C 14 -8.68 -7.82 -33.29
CA SER C 14 -10.04 -8.16 -33.70
C SER C 14 -10.07 -8.90 -35.03
N GLY C 15 -10.69 -10.08 -35.04
CA GLY C 15 -10.84 -10.86 -36.25
C GLY C 15 -9.60 -11.64 -36.62
N GLN C 16 -8.61 -11.65 -35.74
CA GLN C 16 -7.34 -12.32 -36.02
C GLN C 16 -6.93 -13.26 -34.89
N GLY C 17 -7.90 -13.64 -34.04
CA GLY C 17 -7.67 -14.62 -33.00
C GLY C 17 -7.06 -14.12 -31.71
N TYR C 18 -7.03 -15.01 -30.71
CA TYR C 18 -6.43 -14.73 -29.41
C TYR C 18 -5.20 -15.58 -29.22
N TYR C 19 -4.14 -15.01 -28.66
CA TYR C 19 -2.91 -15.76 -28.44
C TYR C 19 -2.39 -15.68 -27.02
N VAL C 20 -1.64 -16.71 -26.64
CA VAL C 20 -1.01 -16.81 -25.34
C VAL C 20 0.51 -16.91 -25.54
N GLU C 21 1.29 -16.43 -24.59
CA GLU C 21 2.74 -16.52 -24.70
C GLU C 21 3.25 -17.88 -24.27
N MET C 22 4.13 -18.46 -25.08
CA MET C 22 4.74 -19.75 -24.74
C MET C 22 6.25 -19.69 -24.99
N THR C 23 6.97 -20.66 -24.45
CA THR C 23 8.40 -20.81 -24.75
C THR C 23 8.66 -22.25 -25.17
N VAL C 24 9.52 -22.43 -26.17
CA VAL C 24 9.88 -23.77 -26.63
C VAL C 24 11.40 -23.93 -26.71
N GLY C 25 11.87 -25.13 -26.44
CA GLY C 25 13.28 -25.45 -26.60
C GLY C 25 14.16 -25.09 -25.43
N SER C 26 15.44 -25.46 -25.54
CA SER C 26 16.44 -25.16 -24.52
C SER C 26 17.67 -24.55 -25.18
N PRO C 27 17.98 -23.28 -24.89
CA PRO C 27 17.29 -22.35 -23.97
C PRO C 27 15.95 -21.87 -24.53
N PRO C 28 15.01 -21.51 -23.64
CA PRO C 28 13.64 -21.11 -24.01
C PRO C 28 13.56 -20.03 -25.09
N GLN C 29 12.83 -20.31 -26.16
CA GLN C 29 12.53 -19.33 -27.20
C GLN C 29 11.09 -18.86 -27.07
N THR C 30 10.91 -17.55 -26.90
CA THR C 30 9.59 -16.98 -26.67
C THR C 30 8.80 -16.81 -27.97
N LEU C 31 7.56 -17.31 -27.97
CA LEU C 31 6.67 -17.17 -29.11
C LEU C 31 5.23 -16.88 -28.66
N ASN C 32 4.52 -16.09 -29.45
CA ASN C 32 3.09 -15.89 -29.23
C ASN C 32 2.28 -16.91 -30.01
N ILE C 33 1.43 -17.65 -29.31
CA ILE C 33 0.74 -18.78 -29.89
C ILE C 33 -0.78 -18.67 -29.85
N LEU C 34 -1.38 -18.79 -31.02
CA LEU C 34 -2.83 -18.76 -31.18
C LEU C 34 -3.55 -19.86 -30.39
N VAL C 35 -4.60 -19.48 -29.68
CA VAL C 35 -5.39 -20.43 -28.91
C VAL C 35 -6.57 -20.92 -29.74
N ASP C 36 -6.52 -22.18 -30.18
CA ASP C 36 -7.50 -22.69 -31.11
C ASP C 36 -8.18 -23.99 -30.65
N THR C 37 -9.44 -23.89 -30.21
CA THR C 37 -10.18 -25.08 -29.77
C THR C 37 -10.81 -25.81 -30.96
N GLY C 38 -10.52 -25.34 -32.17
CA GLY C 38 -11.04 -25.94 -33.39
C GLY C 38 -10.08 -26.86 -34.12
N SER C 39 -8.89 -27.08 -33.56
CA SER C 39 -7.92 -28.00 -34.13
C SER C 39 -7.11 -28.69 -33.03
N SER C 40 -6.18 -29.56 -33.39
CA SER C 40 -5.50 -30.38 -32.40
C SER C 40 -3.97 -30.47 -32.59
N ASN C 41 -3.43 -29.65 -33.50
CA ASN C 41 -1.98 -29.64 -33.73
C ASN C 41 -1.30 -28.43 -33.10
N PHE C 42 -0.14 -28.67 -32.49
CA PHE C 42 0.71 -27.59 -32.00
C PHE C 42 1.80 -27.30 -33.03
N ALA C 43 1.77 -26.09 -33.60
CA ALA C 43 2.71 -25.76 -34.66
C ALA C 43 3.21 -24.33 -34.54
N VAL C 44 4.45 -24.13 -34.96
CA VAL C 44 5.08 -22.81 -34.89
C VAL C 44 5.83 -22.53 -36.17
N GLY C 45 5.90 -21.25 -36.54
CA GLY C 45 6.72 -20.84 -37.67
C GLY C 45 8.16 -21.22 -37.37
N ALA C 46 8.84 -21.85 -38.32
CA ALA C 46 10.20 -22.32 -38.11
C ALA C 46 11.13 -21.89 -39.24
N ALA C 47 10.72 -20.87 -39.96
CA ALA C 47 11.48 -20.35 -41.09
C ALA C 47 11.08 -18.90 -41.31
N PRO C 48 11.98 -18.10 -41.91
CA PRO C 48 11.67 -16.70 -42.22
C PRO C 48 10.38 -16.56 -43.02
N HIS C 49 9.63 -15.50 -42.72
CA HIS C 49 8.38 -15.20 -43.39
C HIS C 49 8.12 -13.71 -43.24
N PRO C 50 7.62 -13.05 -44.30
CA PRO C 50 7.40 -11.60 -44.27
C PRO C 50 6.44 -11.15 -43.17
N PHE C 51 5.60 -12.04 -42.68
CA PHE C 51 4.62 -11.69 -41.66
C PHE C 51 5.05 -12.15 -40.26
N LEU C 52 6.16 -12.86 -40.18
CA LEU C 52 6.65 -13.36 -38.90
C LEU C 52 7.74 -12.44 -38.31
N HIS C 53 7.51 -11.97 -37.09
CA HIS C 53 8.52 -11.16 -36.39
C HIS C 53 9.67 -12.05 -35.95
N ARG C 54 9.35 -13.29 -35.63
CA ARG C 54 10.31 -14.25 -35.12
C ARG C 54 9.83 -15.65 -35.45
N TYR C 55 10.68 -16.65 -35.22
CA TYR C 55 10.29 -18.03 -35.50
C TYR C 55 11.14 -19.04 -34.70
N TYR C 56 10.65 -20.27 -34.66
CA TYR C 56 11.30 -21.38 -33.99
C TYR C 56 12.59 -21.77 -34.69
N GLN C 57 13.70 -21.77 -33.96
CA GLN C 57 14.98 -22.15 -34.54
C GLN C 57 15.51 -23.43 -33.91
N ARG C 58 15.22 -24.55 -34.57
CA ARG C 58 15.52 -25.88 -34.03
C ARG C 58 17.02 -26.08 -33.82
N GLN C 59 17.82 -25.41 -34.62
CA GLN C 59 19.27 -25.55 -34.54
C GLN C 59 19.83 -24.96 -33.24
N LEU C 60 19.09 -24.04 -32.63
CA LEU C 60 19.52 -23.39 -31.39
C LEU C 60 19.00 -24.11 -30.13
N SER C 61 18.26 -25.20 -30.31
CA SER C 61 17.69 -25.92 -29.17
C SER C 61 18.38 -27.26 -28.90
N SER C 62 18.89 -27.42 -27.68
CA SER C 62 19.62 -28.62 -27.31
C SER C 62 18.70 -29.80 -27.02
N THR C 63 17.42 -29.52 -26.76
CA THR C 63 16.48 -30.58 -26.42
C THR C 63 15.56 -30.95 -27.59
N TYR C 64 15.80 -30.35 -28.75
CA TYR C 64 15.00 -30.66 -29.94
C TYR C 64 15.26 -32.06 -30.44
N ARG C 65 14.20 -32.78 -30.79
CA ARG C 65 14.31 -34.11 -31.37
C ARG C 65 13.51 -34.20 -32.66
N ASP C 66 14.17 -34.66 -33.72
CA ASP C 66 13.54 -34.82 -35.03
C ASP C 66 12.72 -36.10 -35.07
N LEU C 67 11.48 -36.01 -35.56
CA LEU C 67 10.65 -37.21 -35.71
C LEU C 67 10.74 -37.75 -37.13
N ARG C 68 11.44 -37.01 -37.99
CA ARG C 68 11.67 -37.40 -39.38
C ARG C 68 10.36 -37.72 -40.10
N LYS C 69 9.35 -36.88 -39.88
CA LYS C 69 8.06 -37.10 -40.49
C LYS C 69 7.42 -35.77 -40.91
N GLY C 70 6.79 -35.76 -42.08
CA GLY C 70 6.12 -34.57 -42.57
C GLY C 70 4.66 -34.50 -42.13
N VAL C 71 4.05 -33.33 -42.29
CA VAL C 71 2.66 -33.14 -41.93
C VAL C 71 2.07 -31.95 -42.66
N TYR C 72 0.80 -32.07 -43.04
CA TYR C 72 0.06 -30.99 -43.67
C TYR C 72 -1.24 -30.76 -42.92
N VAL C 73 -1.58 -29.50 -42.66
CA VAL C 73 -2.83 -29.18 -41.98
C VAL C 73 -3.59 -28.06 -42.69
N PRO C 74 -4.78 -28.38 -43.22
CA PRO C 74 -5.65 -27.38 -43.82
C PRO C 74 -6.69 -26.85 -42.83
N TYR C 75 -6.84 -25.54 -42.74
CA TYR C 75 -7.90 -24.95 -41.92
C TYR C 75 -8.98 -24.38 -42.83
N THR C 76 -10.11 -23.97 -42.24
CA THR C 76 -11.14 -23.32 -43.02
C THR C 76 -10.58 -22.03 -43.62
N GLN C 77 -9.70 -21.38 -42.88
CA GLN C 77 -8.89 -20.29 -43.40
C GLN C 77 -7.41 -20.62 -43.24
N GLY C 78 -6.69 -20.68 -44.36
CA GLY C 78 -5.26 -20.92 -44.33
C GLY C 78 -4.85 -22.37 -44.27
N LYS C 79 -3.58 -22.65 -44.59
CA LYS C 79 -3.04 -24.00 -44.51
C LYS C 79 -1.53 -23.91 -44.39
N TRP C 80 -0.91 -24.93 -43.81
CA TRP C 80 0.54 -25.00 -43.74
C TRP C 80 1.03 -26.43 -43.80
N GLU C 81 2.32 -26.59 -44.04
CA GLU C 81 2.93 -27.90 -43.92
C GLU C 81 4.24 -27.74 -43.17
N GLY C 82 4.70 -28.80 -42.54
CA GLY C 82 5.90 -28.71 -41.76
C GLY C 82 6.53 -30.04 -41.42
N GLU C 83 7.49 -29.99 -40.49
CA GLU C 83 8.25 -31.15 -40.09
C GLU C 83 8.02 -31.45 -38.61
N LEU C 84 7.62 -32.68 -38.31
CA LEU C 84 7.29 -33.06 -36.95
C LEU C 84 8.53 -33.26 -36.10
N GLY C 85 8.41 -32.95 -34.82
CA GLY C 85 9.50 -33.12 -33.88
C GLY C 85 8.97 -32.91 -32.48
N THR C 86 9.83 -33.14 -31.47
CA THR C 86 9.43 -32.88 -30.10
C THR C 86 10.44 -31.96 -29.43
N ASP C 87 9.99 -31.22 -28.43
CA ASP C 87 10.86 -30.33 -27.69
C ASP C 87 10.21 -29.95 -26.37
N LEU C 88 10.95 -29.28 -25.50
CA LEU C 88 10.42 -28.83 -24.21
C LEU C 88 9.57 -27.59 -24.41
N VAL C 89 8.43 -27.55 -23.72
CA VAL C 89 7.50 -26.44 -23.82
C VAL C 89 7.00 -25.96 -22.45
N SER C 90 6.95 -24.65 -22.23
CA SER C 90 6.35 -24.12 -21.00
C SER C 90 5.50 -22.87 -21.30
N ILE C 91 4.67 -22.50 -20.33
CA ILE C 91 3.77 -21.35 -20.44
C ILE C 91 3.98 -20.36 -19.29
N PRO C 92 4.67 -19.24 -19.56
CA PRO C 92 5.05 -18.26 -18.53
C PRO C 92 3.90 -17.79 -17.66
N HIS C 93 2.75 -17.52 -18.27
CA HIS C 93 1.57 -17.12 -17.52
C HIS C 93 0.53 -18.23 -17.48
N GLY C 94 1.02 -19.45 -17.29
CA GLY C 94 0.16 -20.61 -17.08
C GLY C 94 0.72 -21.38 -15.90
N PRO C 95 0.52 -22.70 -15.88
CA PRO C 95 1.04 -23.51 -14.77
C PRO C 95 2.57 -23.55 -14.80
N ASN C 96 3.19 -23.58 -13.64
CA ASN C 96 4.65 -23.59 -13.60
C ASN C 96 5.20 -24.98 -13.89
N VAL C 97 5.05 -25.42 -15.15
CA VAL C 97 5.54 -26.73 -15.54
C VAL C 97 6.22 -26.70 -16.90
N THR C 98 7.02 -27.71 -17.18
CA THR C 98 7.66 -27.86 -18.49
C THR C 98 7.41 -29.26 -19.01
N VAL C 99 6.88 -29.37 -20.22
CA VAL C 99 6.55 -30.67 -20.79
C VAL C 99 7.19 -30.89 -22.15
N ARG C 100 7.42 -32.16 -22.49
CA ARG C 100 7.87 -32.49 -23.83
C ARG C 100 6.66 -32.75 -24.70
N ALA C 101 6.52 -31.96 -25.75
CA ALA C 101 5.35 -32.06 -26.60
C ALA C 101 5.73 -32.19 -28.06
N ASN C 102 4.80 -32.72 -28.83
CA ASN C 102 4.90 -32.74 -30.28
C ASN C 102 4.82 -31.34 -30.83
N ILE C 103 5.75 -30.99 -31.73
CA ILE C 103 5.75 -29.68 -32.35
C ILE C 103 5.93 -29.79 -33.87
N ALA C 104 5.02 -29.17 -34.61
CA ALA C 104 5.17 -29.11 -36.04
C ALA C 104 5.90 -27.83 -36.43
N ALA C 105 7.09 -28.00 -36.99
CA ALA C 105 7.90 -26.88 -37.45
C ALA C 105 7.44 -26.45 -38.84
N ILE C 106 6.69 -25.36 -38.91
CA ILE C 106 6.12 -24.88 -40.16
C ILE C 106 7.18 -24.34 -41.12
N THR C 107 7.32 -25.00 -42.26
CA THR C 107 8.30 -24.62 -43.27
C THR C 107 7.65 -23.89 -44.44
N GLU C 108 6.38 -24.19 -44.69
CA GLU C 108 5.63 -23.56 -45.77
C GLU C 108 4.19 -23.33 -45.36
N SER C 109 3.62 -22.22 -45.80
CA SER C 109 2.24 -21.89 -45.44
C SER C 109 1.57 -21.06 -46.53
N ASP C 110 0.24 -21.07 -46.51
CA ASP C 110 -0.52 -20.30 -47.50
C ASP C 110 -1.71 -19.64 -46.81
N LYS C 111 -1.67 -18.30 -46.76
CA LYS C 111 -2.76 -17.51 -46.17
C LYS C 111 -3.08 -17.94 -44.73
N PHE C 112 -2.06 -18.39 -44.02
CA PHE C 112 -2.21 -18.80 -42.63
C PHE C 112 -1.79 -17.67 -41.70
N PHE C 113 -0.51 -17.30 -41.76
CA PHE C 113 0.01 -16.18 -40.99
C PHE C 113 -0.60 -14.88 -41.48
N ILE C 114 -0.91 -14.00 -40.53
CA ILE C 114 -1.56 -12.73 -40.84
C ILE C 114 -0.60 -11.57 -40.59
N ASN C 115 -0.55 -10.64 -41.54
CA ASN C 115 0.34 -9.49 -41.45
C ASN C 115 0.07 -8.67 -40.19
N GLY C 116 1.04 -8.61 -39.29
CA GLY C 116 0.95 -7.82 -38.08
C GLY C 116 -0.01 -8.33 -37.01
N SER C 117 -0.21 -9.64 -36.94
CA SER C 117 -1.11 -10.22 -35.94
C SER C 117 -0.44 -10.37 -34.58
N ASN C 118 0.89 -10.43 -34.62
CA ASN C 118 1.77 -10.59 -33.46
C ASN C 118 1.78 -12.01 -32.89
N TRP C 119 1.19 -12.96 -33.60
CA TRP C 119 1.39 -14.38 -33.23
C TRP C 119 2.12 -15.13 -34.34
N GLU C 120 2.90 -16.14 -33.95
CA GLU C 120 3.73 -16.87 -34.90
C GLU C 120 3.55 -18.39 -34.83
N GLY C 121 2.50 -18.84 -34.14
CA GLY C 121 2.23 -20.26 -34.00
C GLY C 121 0.79 -20.53 -33.59
N ILE C 122 0.43 -21.80 -33.50
CA ILE C 122 -0.93 -22.17 -33.15
C ILE C 122 -0.97 -23.35 -32.18
N LEU C 123 -1.88 -23.26 -31.21
CA LEU C 123 -2.08 -24.30 -30.21
C LEU C 123 -3.46 -24.93 -30.36
N GLY C 124 -3.51 -26.09 -31.01
CA GLY C 124 -4.74 -26.84 -31.18
C GLY C 124 -5.12 -27.57 -29.90
N LEU C 125 -6.25 -27.18 -29.33
CA LEU C 125 -6.64 -27.69 -28.02
C LEU C 125 -7.70 -28.79 -28.06
N ALA C 126 -8.14 -29.17 -29.25
CA ALA C 126 -9.12 -30.25 -29.40
C ALA C 126 -8.43 -31.62 -29.32
N TYR C 127 -9.17 -32.69 -29.62
CA TYR C 127 -8.70 -34.05 -29.36
C TYR C 127 -7.93 -34.72 -30.50
N ALA C 128 -7.29 -35.82 -30.21
CA ALA C 128 -6.38 -36.49 -31.11
C ALA C 128 -7.04 -36.95 -32.41
N GLU C 129 -8.32 -37.21 -32.37
CA GLU C 129 -9.04 -37.74 -33.48
C GLU C 129 -8.95 -36.86 -34.70
N ILE C 130 -8.83 -35.56 -34.53
CA ILE C 130 -8.68 -34.67 -35.65
C ILE C 130 -7.29 -34.11 -35.86
N ALA C 131 -6.31 -34.69 -35.19
CA ALA C 131 -4.92 -34.26 -35.34
C ALA C 131 -4.36 -34.81 -36.65
N ARG C 132 -3.48 -34.05 -37.29
CA ARG C 132 -2.78 -34.52 -38.48
C ARG C 132 -1.37 -34.93 -38.09
N PRO C 133 -0.81 -35.97 -38.74
CA PRO C 133 -1.37 -36.78 -39.84
C PRO C 133 -2.47 -37.75 -39.40
N ASP C 134 -2.45 -38.18 -38.15
CA ASP C 134 -3.45 -39.10 -37.63
C ASP C 134 -3.55 -38.98 -36.11
N ASP C 135 -4.39 -39.80 -35.48
CA ASP C 135 -4.65 -39.63 -34.06
C ASP C 135 -3.54 -40.18 -33.15
N SER C 136 -2.41 -40.58 -33.74
CA SER C 136 -1.28 -41.04 -32.95
C SER C 136 -0.43 -39.86 -32.51
N LEU C 137 -0.57 -38.74 -33.19
CA LEU C 137 0.16 -37.53 -32.80
C LEU C 137 -0.53 -36.87 -31.61
N GLU C 138 -0.02 -37.15 -30.42
CA GLU C 138 -0.61 -36.66 -29.17
C GLU C 138 -0.65 -35.13 -29.13
N PRO C 139 -1.85 -34.56 -28.98
CA PRO C 139 -2.00 -33.10 -28.85
C PRO C 139 -1.33 -32.56 -27.58
N PHE C 140 -1.03 -31.27 -27.55
CA PHE C 140 -0.30 -30.67 -26.45
C PHE C 140 -0.98 -30.85 -25.08
N PHE C 141 -2.29 -30.58 -25.02
CA PHE C 141 -2.95 -30.60 -23.72
C PHE C 141 -2.98 -32.02 -23.14
N ASP C 142 -3.04 -33.02 -24.01
CA ASP C 142 -2.96 -34.41 -23.56
C ASP C 142 -1.57 -34.71 -22.96
N SER C 143 -0.52 -34.19 -23.60
CA SER C 143 0.84 -34.36 -23.06
C SER C 143 0.96 -33.65 -21.71
N LEU C 144 0.38 -32.47 -21.61
CA LEU C 144 0.43 -31.66 -20.39
C LEU C 144 -0.17 -32.38 -19.20
N VAL C 145 -1.36 -32.94 -19.39
CA VAL C 145 -2.07 -33.63 -18.34
C VAL C 145 -1.36 -34.92 -17.93
N LYS C 146 -0.84 -35.67 -18.90
CA LYS C 146 -0.15 -36.90 -18.57
C LYS C 146 1.22 -36.73 -17.92
N GLN C 147 1.93 -35.65 -18.23
CA GLN C 147 3.28 -35.48 -17.68
C GLN C 147 3.27 -34.66 -16.39
N THR C 148 2.15 -34.04 -16.07
CA THR C 148 2.06 -33.23 -14.84
C THR C 148 0.84 -33.60 -14.00
N HIS C 149 0.56 -32.78 -12.98
CA HIS C 149 -0.61 -33.00 -12.13
C HIS C 149 -1.69 -31.96 -12.42
N VAL C 150 -1.53 -31.22 -13.52
CA VAL C 150 -2.53 -30.26 -13.95
C VAL C 150 -3.83 -30.97 -14.31
N PRO C 151 -4.94 -30.58 -13.64
CA PRO C 151 -6.27 -31.16 -13.89
C PRO C 151 -6.68 -31.09 -15.37
N ASN C 152 -7.44 -32.08 -15.84
CA ASN C 152 -7.83 -32.18 -17.25
C ASN C 152 -8.98 -31.23 -17.59
N LEU C 153 -8.69 -29.93 -17.58
CA LEU C 153 -9.71 -28.92 -17.78
C LEU C 153 -9.03 -27.58 -18.10
N PHE C 154 -9.65 -26.79 -18.95
CA PHE C 154 -9.21 -25.41 -19.11
C PHE C 154 -10.42 -24.55 -19.40
N SER C 155 -10.32 -23.25 -19.12
CA SER C 155 -11.42 -22.33 -19.36
C SER C 155 -10.96 -21.10 -20.12
N LEU C 156 -11.87 -20.54 -20.92
CA LEU C 156 -11.56 -19.38 -21.75
C LEU C 156 -12.51 -18.22 -21.51
N GLN C 157 -11.94 -17.07 -21.20
CA GLN C 157 -12.66 -15.81 -21.17
C GLN C 157 -12.14 -14.92 -22.28
N LEU C 158 -12.86 -14.84 -23.38
CA LEU C 158 -12.45 -14.00 -24.49
C LEU C 158 -13.18 -12.66 -24.43
N CYS C 159 -12.43 -11.57 -24.39
CA CYS C 159 -13.04 -10.25 -24.27
C CYS C 159 -12.93 -9.46 -25.57
N GLY C 160 -14.00 -8.74 -25.91
CA GLY C 160 -13.98 -7.88 -27.07
C GLY C 160 -13.14 -6.64 -26.80
N SER C 173 -7.66 -4.12 -30.75
CA SER C 173 -6.85 -4.90 -29.82
C SER C 173 -7.69 -5.41 -28.65
N VAL C 174 -7.58 -6.71 -28.38
CA VAL C 174 -8.45 -7.38 -27.44
C VAL C 174 -7.63 -8.17 -26.42
N GLY C 175 -8.28 -8.66 -25.38
CA GLY C 175 -7.61 -9.43 -24.34
C GLY C 175 -8.52 -10.51 -23.77
N GLY C 176 -8.00 -11.29 -22.85
CA GLY C 176 -8.78 -12.33 -22.21
C GLY C 176 -7.95 -13.23 -21.32
N SER C 177 -8.53 -14.35 -20.90
CA SER C 177 -7.85 -15.27 -20.00
C SER C 177 -8.01 -16.72 -20.43
N MET C 178 -6.91 -17.46 -20.40
CA MET C 178 -6.98 -18.91 -20.53
C MET C 178 -6.52 -19.51 -19.20
N ILE C 179 -7.48 -19.99 -18.42
CA ILE C 179 -7.15 -20.61 -17.15
C ILE C 179 -6.87 -22.08 -17.41
N ILE C 180 -5.61 -22.48 -17.26
CA ILE C 180 -5.23 -23.85 -17.53
C ILE C 180 -5.27 -24.66 -16.24
N GLY C 181 -6.15 -25.67 -16.19
CA GLY C 181 -6.21 -26.55 -15.06
C GLY C 181 -7.33 -26.24 -14.06
N GLY C 182 -8.20 -25.30 -14.41
CA GLY C 182 -9.28 -24.96 -13.50
C GLY C 182 -10.19 -23.82 -13.90
N ILE C 183 -10.95 -23.36 -12.91
CA ILE C 183 -11.95 -22.31 -13.06
C ILE C 183 -11.66 -21.13 -12.14
N ASP C 184 -11.60 -19.92 -12.70
CA ASP C 184 -11.37 -18.71 -11.93
C ASP C 184 -12.68 -17.94 -11.73
N HIS C 185 -13.11 -17.82 -10.47
CA HIS C 185 -14.43 -17.28 -10.16
C HIS C 185 -14.55 -15.77 -10.37
N SER C 186 -13.44 -15.08 -10.52
CA SER C 186 -13.52 -13.64 -10.76
C SER C 186 -13.86 -13.34 -12.21
N LEU C 187 -13.86 -14.36 -13.06
CA LEU C 187 -14.05 -14.15 -14.49
C LEU C 187 -15.50 -14.28 -14.94
N TYR C 188 -16.39 -14.65 -14.02
CA TYR C 188 -17.80 -14.78 -14.37
C TYR C 188 -18.76 -14.45 -13.23
N THR C 189 -20.01 -14.17 -13.60
CA THR C 189 -21.07 -13.95 -12.63
C THR C 189 -22.17 -14.98 -12.82
N GLY C 190 -23.00 -15.17 -11.80
CA GLY C 190 -24.09 -16.11 -11.90
C GLY C 190 -23.62 -17.56 -11.89
N SER C 191 -24.44 -18.43 -12.45
CA SER C 191 -24.16 -19.86 -12.42
C SER C 191 -23.59 -20.39 -13.73
N LEU C 192 -22.78 -21.45 -13.61
CA LEU C 192 -22.30 -22.19 -14.76
C LEU C 192 -23.34 -23.23 -15.17
N TRP C 193 -23.64 -23.30 -16.47
CA TRP C 193 -24.54 -24.31 -17.02
C TRP C 193 -23.78 -25.19 -18.01
N TYR C 194 -23.95 -26.51 -17.88
CA TYR C 194 -23.16 -27.46 -18.66
C TYR C 194 -23.93 -28.21 -19.75
N THR C 195 -23.29 -28.33 -20.91
CA THR C 195 -23.80 -29.15 -22.01
C THR C 195 -22.78 -30.25 -22.32
N PRO C 196 -23.25 -31.45 -22.70
CA PRO C 196 -22.30 -32.55 -22.94
C PRO C 196 -21.41 -32.33 -24.15
N ILE C 197 -20.17 -32.76 -24.05
CA ILE C 197 -19.35 -32.95 -25.23
C ILE C 197 -19.82 -34.25 -25.88
N ARG C 198 -20.45 -34.15 -27.04
CA ARG C 198 -21.08 -35.30 -27.68
C ARG C 198 -20.08 -36.37 -28.07
N ARG C 199 -18.99 -35.94 -28.67
CA ARG C 199 -17.93 -36.81 -29.09
C ARG C 199 -16.62 -36.09 -28.94
N GLU C 200 -15.58 -36.79 -28.54
CA GLU C 200 -14.29 -36.17 -28.36
C GLU C 200 -13.48 -36.08 -29.63
N TRP C 201 -13.78 -35.12 -30.47
CA TRP C 201 -12.96 -34.83 -31.58
C TRP C 201 -12.75 -33.34 -31.69
N TYR C 202 -13.68 -32.67 -32.31
CA TYR C 202 -13.92 -31.28 -32.10
C TYR C 202 -14.61 -31.19 -30.76
N TYR C 203 -14.74 -29.99 -30.24
CA TYR C 203 -15.59 -29.82 -29.07
C TYR C 203 -17.01 -29.71 -29.58
N GLU C 204 -17.61 -30.86 -29.87
CA GLU C 204 -18.96 -30.93 -30.42
C GLU C 204 -20.03 -30.90 -29.34
N VAL C 205 -21.05 -30.09 -29.58
CA VAL C 205 -22.18 -29.95 -28.67
C VAL C 205 -23.46 -30.04 -29.50
N ILE C 206 -24.60 -30.04 -28.81
CA ILE C 206 -25.88 -30.12 -29.49
C ILE C 206 -26.76 -28.92 -29.21
N ILE C 207 -27.14 -28.22 -30.27
CA ILE C 207 -28.10 -27.13 -30.19
C ILE C 207 -29.50 -27.68 -30.44
N VAL C 208 -30.41 -27.43 -29.51
CA VAL C 208 -31.74 -28.05 -29.55
C VAL C 208 -32.85 -27.07 -29.92
N ARG C 209 -32.58 -25.77 -29.80
CA ARG C 209 -33.57 -24.75 -30.12
C ARG C 209 -32.87 -23.42 -30.44
N VAL C 210 -33.45 -22.66 -31.34
CA VAL C 210 -32.97 -21.31 -31.65
C VAL C 210 -34.13 -20.33 -31.64
N GLU C 211 -33.97 -19.24 -30.89
CA GLU C 211 -34.97 -18.18 -30.84
C GLU C 211 -34.36 -16.84 -31.22
N ILE C 212 -35.11 -16.06 -31.99
CA ILE C 212 -34.71 -14.70 -32.33
C ILE C 212 -35.77 -13.71 -31.85
N ASN C 213 -35.38 -12.85 -30.91
CA ASN C 213 -36.30 -11.95 -30.22
C ASN C 213 -37.50 -12.70 -29.64
N GLY C 214 -37.25 -13.89 -29.09
CA GLY C 214 -38.30 -14.62 -28.41
C GLY C 214 -39.12 -15.49 -29.32
N GLN C 215 -38.81 -15.50 -30.61
CA GLN C 215 -39.60 -16.28 -31.56
C GLN C 215 -38.82 -17.50 -32.02
N ASP C 216 -39.43 -18.67 -31.89
CA ASP C 216 -38.79 -19.92 -32.31
C ASP C 216 -38.62 -19.95 -33.82
N LEU C 217 -37.44 -20.37 -34.28
CA LEU C 217 -37.20 -20.57 -35.72
C LEU C 217 -38.03 -21.73 -36.24
N LYS C 218 -38.43 -22.60 -35.31
CA LYS C 218 -39.32 -23.72 -35.60
C LYS C 218 -38.77 -24.62 -36.69
N MET C 219 -37.45 -24.78 -36.71
CA MET C 219 -36.82 -25.72 -37.63
C MET C 219 -36.62 -27.07 -36.97
N ASP C 220 -36.45 -28.08 -37.82
CA ASP C 220 -36.09 -29.42 -37.36
C ASP C 220 -34.77 -29.30 -36.59
N CYS C 221 -34.72 -29.93 -35.42
CA CYS C 221 -33.59 -29.77 -34.52
C CYS C 221 -32.26 -30.21 -35.15
N LYS C 222 -32.31 -31.20 -36.04
CA LYS C 222 -31.11 -31.69 -36.72
C LYS C 222 -30.48 -30.63 -37.64
N GLU C 223 -31.31 -29.74 -38.17
CA GLU C 223 -30.84 -28.68 -39.06
C GLU C 223 -29.83 -27.75 -38.37
N TYR C 224 -30.02 -27.54 -37.07
CA TYR C 224 -29.12 -26.69 -36.27
C TYR C 224 -27.73 -27.32 -36.13
N ASN C 225 -27.68 -28.65 -36.16
CA ASN C 225 -26.42 -29.36 -36.01
C ASN C 225 -26.10 -30.18 -37.26
N TYR C 226 -26.62 -29.73 -38.41
CA TYR C 226 -26.43 -30.44 -39.66
C TYR C 226 -24.95 -30.61 -39.97
N ASP C 227 -24.55 -31.88 -39.95
CA ASP C 227 -23.18 -32.35 -39.81
C ASP C 227 -22.79 -32.29 -38.34
N LYS C 228 -22.63 -31.10 -37.79
CA LYS C 228 -22.16 -30.94 -36.40
C LYS C 228 -22.29 -29.51 -35.88
N SER C 229 -22.12 -29.35 -34.56
CA SER C 229 -22.01 -28.04 -33.95
C SER C 229 -20.76 -28.05 -33.06
N ILE C 230 -19.85 -27.11 -33.27
CA ILE C 230 -18.60 -27.09 -32.51
C ILE C 230 -18.32 -25.71 -31.87
N VAL C 231 -17.53 -25.73 -30.80
CA VAL C 231 -17.05 -24.51 -30.15
C VAL C 231 -15.60 -24.26 -30.57
N ASP C 232 -15.39 -23.17 -31.30
CA ASP C 232 -14.11 -22.91 -31.96
C ASP C 232 -13.58 -21.49 -31.69
N SER C 233 -12.62 -21.39 -30.78
CA SER C 233 -12.03 -20.10 -30.43
C SER C 233 -11.16 -19.55 -31.56
N GLY C 234 -10.85 -20.40 -32.53
CA GLY C 234 -10.04 -20.01 -33.67
C GLY C 234 -10.83 -19.35 -34.79
N THR C 235 -12.15 -19.43 -34.71
CA THR C 235 -13.04 -18.82 -35.71
C THR C 235 -13.64 -17.52 -35.17
N THR C 236 -13.69 -16.49 -36.03
CA THR C 236 -14.23 -15.19 -35.66
C THR C 236 -15.75 -15.20 -35.49
N ASN C 237 -16.42 -15.75 -36.49
CA ASN C 237 -17.87 -15.62 -36.61
C ASN C 237 -18.70 -16.68 -35.91
N LEU C 238 -19.99 -16.40 -35.85
CA LEU C 238 -20.99 -17.45 -35.67
C LEU C 238 -21.32 -17.95 -37.06
N ARG C 239 -20.95 -19.20 -37.34
CA ARG C 239 -21.19 -19.78 -38.65
C ARG C 239 -22.35 -20.77 -38.57
N LEU C 240 -23.30 -20.65 -39.50
CA LEU C 240 -24.51 -21.49 -39.48
C LEU C 240 -24.71 -22.26 -40.75
N PRO C 241 -25.29 -23.47 -40.65
CA PRO C 241 -25.66 -24.24 -41.85
C PRO C 241 -26.59 -23.41 -42.74
N LYS C 242 -26.52 -23.66 -44.05
CA LYS C 242 -27.19 -22.84 -45.05
C LYS C 242 -28.64 -22.51 -44.72
N LYS C 243 -29.43 -23.53 -44.41
CA LYS C 243 -30.85 -23.33 -44.17
C LYS C 243 -31.09 -22.50 -42.91
N VAL C 244 -30.27 -22.73 -41.88
CA VAL C 244 -30.39 -21.98 -40.64
C VAL C 244 -29.94 -20.52 -40.83
N PHE C 245 -28.85 -20.36 -41.57
CA PHE C 245 -28.32 -19.02 -41.85
C PHE C 245 -29.36 -18.17 -42.56
N GLU C 246 -29.99 -18.74 -43.58
CA GLU C 246 -30.98 -18.02 -44.37
C GLU C 246 -32.21 -17.62 -43.53
N ALA C 247 -32.67 -18.52 -42.68
CA ALA C 247 -33.81 -18.21 -41.82
C ALA C 247 -33.44 -17.11 -40.83
N ALA C 248 -32.20 -17.17 -40.33
CA ALA C 248 -31.73 -16.19 -39.36
C ALA C 248 -31.62 -14.80 -39.99
N VAL C 249 -31.03 -14.74 -41.19
CA VAL C 249 -30.88 -13.47 -41.88
C VAL C 249 -32.23 -12.83 -42.19
N LYS C 250 -33.18 -13.65 -42.66
CA LYS C 250 -34.52 -13.15 -42.95
C LYS C 250 -35.16 -12.53 -41.71
N SER C 251 -34.97 -13.17 -40.57
CA SER C 251 -35.56 -12.68 -39.32
C SER C 251 -34.86 -11.40 -38.86
N ILE C 252 -33.53 -11.37 -38.99
CA ILE C 252 -32.77 -10.19 -38.59
C ILE C 252 -33.00 -9.00 -39.51
N LYS C 253 -33.11 -9.24 -40.82
CA LYS C 253 -33.42 -8.15 -41.73
C LYS C 253 -34.80 -7.56 -41.43
N ALA C 254 -35.77 -8.44 -41.17
CA ALA C 254 -37.14 -8.01 -40.89
C ALA C 254 -37.21 -7.14 -39.64
N ALA C 255 -36.42 -7.49 -38.63
CA ALA C 255 -36.41 -6.74 -37.38
C ALA C 255 -35.78 -5.36 -37.57
N SER C 256 -34.82 -5.27 -38.49
CA SER C 256 -34.09 -4.03 -38.70
C SER C 256 -34.51 -3.30 -39.98
N SER C 257 -35.75 -3.53 -40.40
CA SER C 257 -36.28 -2.93 -41.63
C SER C 257 -36.29 -1.41 -41.64
N THR C 258 -36.28 -0.80 -40.46
CA THR C 258 -36.29 0.65 -40.33
C THR C 258 -35.09 1.34 -41.00
N GLU C 259 -34.02 0.60 -41.22
CA GLU C 259 -32.84 1.13 -41.88
C GLU C 259 -32.55 0.30 -43.11
N LYS C 260 -31.78 0.85 -44.05
CA LYS C 260 -31.43 0.12 -45.24
C LYS C 260 -29.92 -0.09 -45.31
N PHE C 261 -29.55 -1.22 -45.84
CA PHE C 261 -28.17 -1.61 -45.77
C PHE C 261 -27.58 -1.88 -47.13
N PRO C 262 -26.27 -1.88 -47.21
CA PRO C 262 -25.52 -2.05 -48.45
C PRO C 262 -25.76 -3.35 -49.20
N ASP C 263 -26.08 -4.41 -48.48
CA ASP C 263 -26.51 -5.72 -48.98
C ASP C 263 -25.41 -6.73 -49.23
N GLY C 264 -24.18 -6.26 -49.31
CA GLY C 264 -23.06 -7.16 -49.26
C GLY C 264 -22.77 -7.22 -47.79
N PHE C 265 -23.59 -6.50 -47.06
CA PHE C 265 -23.40 -6.31 -45.67
C PHE C 265 -23.82 -7.64 -45.07
N TRP C 266 -24.91 -8.19 -45.56
CA TRP C 266 -25.41 -9.45 -45.02
C TRP C 266 -24.52 -10.64 -45.37
N LEU C 267 -23.62 -10.44 -46.31
CA LEU C 267 -22.65 -11.44 -46.66
C LEU C 267 -21.32 -11.16 -46.07
N GLY C 268 -21.23 -10.10 -45.31
CA GLY C 268 -20.00 -9.77 -44.64
C GLY C 268 -19.02 -9.03 -45.52
N GLU C 269 -19.38 -8.82 -46.77
CA GLU C 269 -18.54 -8.08 -47.67
C GLU C 269 -18.34 -6.59 -47.34
N GLN C 270 -19.37 -5.88 -46.93
CA GLN C 270 -19.26 -4.44 -46.75
C GLN C 270 -19.70 -3.97 -45.40
N LEU C 271 -19.09 -2.89 -44.95
CA LEU C 271 -19.35 -2.27 -43.69
C LEU C 271 -20.65 -1.51 -43.67
N VAL C 272 -21.11 -1.20 -42.47
CA VAL C 272 -22.19 -0.29 -42.27
C VAL C 272 -21.75 0.69 -41.20
N CYS C 273 -22.14 1.94 -41.34
CA CYS C 273 -21.61 2.98 -40.47
C CYS C 273 -22.71 3.91 -39.93
N TRP C 274 -22.50 4.41 -38.72
CA TRP C 274 -23.36 5.43 -38.16
C TRP C 274 -22.47 6.48 -37.50
N GLN C 275 -23.04 7.66 -37.26
CA GLN C 275 -22.28 8.72 -36.59
C GLN C 275 -21.99 8.23 -35.18
N ALA C 276 -20.84 8.60 -34.63
CA ALA C 276 -20.37 8.05 -33.36
C ALA C 276 -21.39 8.17 -32.25
N GLY C 277 -21.74 7.04 -31.64
CA GLY C 277 -22.70 7.00 -30.56
C GLY C 277 -24.15 6.88 -30.99
N THR C 278 -24.39 6.72 -32.29
CA THR C 278 -25.76 6.67 -32.80
C THR C 278 -26.17 5.31 -33.38
N THR C 279 -25.38 4.28 -33.11
CA THR C 279 -25.71 2.94 -33.59
C THR C 279 -27.07 2.52 -33.03
N PRO C 280 -28.00 2.15 -33.91
CA PRO C 280 -29.37 1.78 -33.51
C PRO C 280 -29.48 0.31 -33.06
N TRP C 281 -28.90 0.00 -31.91
CA TRP C 281 -28.86 -1.36 -31.40
C TRP C 281 -30.26 -1.98 -31.25
N ASN C 282 -31.23 -1.17 -30.86
CA ASN C 282 -32.56 -1.65 -30.53
C ASN C 282 -33.27 -2.36 -31.68
N ILE C 283 -32.90 -2.01 -32.92
CA ILE C 283 -33.57 -2.60 -34.07
C ILE C 283 -33.01 -3.98 -34.42
N PHE C 284 -31.87 -4.32 -33.83
CA PHE C 284 -31.27 -5.63 -34.06
C PHE C 284 -31.67 -6.59 -32.93
N PRO C 285 -32.12 -7.79 -33.30
CA PRO C 285 -32.69 -8.75 -32.33
C PRO C 285 -31.65 -9.50 -31.53
N VAL C 286 -32.04 -10.03 -30.37
CA VAL C 286 -31.18 -10.93 -29.62
C VAL C 286 -31.37 -12.33 -30.20
N ILE C 287 -30.31 -13.14 -30.11
CA ILE C 287 -30.36 -14.51 -30.61
C ILE C 287 -30.11 -15.46 -29.45
N SER C 288 -31.01 -16.42 -29.25
CA SER C 288 -30.88 -17.38 -28.18
C SER C 288 -30.60 -18.77 -28.74
N LEU C 289 -29.49 -19.35 -28.29
CA LEU C 289 -29.14 -20.72 -28.63
C LEU C 289 -29.37 -21.60 -27.41
N TYR C 290 -30.25 -22.57 -27.55
CA TYR C 290 -30.51 -23.50 -26.46
C TYR C 290 -29.57 -24.70 -26.60
N LEU C 291 -28.81 -25.00 -25.55
CA LEU C 291 -27.90 -26.12 -25.59
C LEU C 291 -28.50 -27.23 -24.72
N MET C 292 -28.39 -28.46 -25.19
CA MET C 292 -28.89 -29.62 -24.47
C MET C 292 -28.20 -29.77 -23.12
N GLY C 293 -28.94 -30.06 -22.06
CA GLY C 293 -28.29 -30.17 -20.77
C GLY C 293 -27.74 -31.56 -20.58
N GLU C 294 -27.18 -31.83 -19.40
CA GLU C 294 -26.61 -33.15 -19.18
C GLU C 294 -27.79 -34.05 -18.90
N VAL C 295 -28.85 -33.47 -18.34
CA VAL C 295 -30.15 -34.13 -18.33
C VAL C 295 -31.05 -33.15 -19.10
N THR C 296 -31.98 -33.67 -19.90
CA THR C 296 -32.74 -32.82 -20.82
C THR C 296 -33.78 -31.90 -20.18
N ASN C 297 -33.99 -31.99 -18.87
CA ASN C 297 -34.87 -30.99 -18.25
C ASN C 297 -34.01 -29.94 -17.56
N GLN C 298 -32.71 -29.96 -17.85
CA GLN C 298 -31.80 -28.96 -17.33
C GLN C 298 -31.00 -28.35 -18.48
N SER C 299 -31.64 -28.24 -19.64
CA SER C 299 -31.03 -27.55 -20.75
C SER C 299 -30.99 -26.07 -20.41
N PHE C 300 -30.31 -25.29 -21.23
CA PHE C 300 -30.22 -23.84 -21.02
C PHE C 300 -30.04 -23.09 -22.31
N ARG C 301 -30.17 -21.76 -22.25
CA ARG C 301 -30.02 -20.92 -23.41
C ARG C 301 -28.93 -19.89 -23.13
N ILE C 302 -28.14 -19.60 -24.16
CA ILE C 302 -27.21 -18.49 -24.09
C ILE C 302 -27.73 -17.45 -25.08
N THR C 303 -27.74 -16.20 -24.66
CA THR C 303 -28.32 -15.13 -25.45
C THR C 303 -27.24 -14.14 -25.84
N ILE C 304 -27.13 -13.85 -27.13
CA ILE C 304 -26.14 -12.88 -27.56
C ILE C 304 -26.81 -11.61 -28.09
N LEU C 305 -26.12 -10.49 -27.90
CA LEU C 305 -26.63 -9.19 -28.32
C LEU C 305 -26.05 -8.82 -29.67
N PRO C 306 -26.69 -7.87 -30.38
CA PRO C 306 -26.12 -7.37 -31.63
C PRO C 306 -24.72 -6.80 -31.45
N GLN C 307 -24.38 -6.37 -30.24
CA GLN C 307 -23.04 -5.89 -29.95
C GLN C 307 -22.01 -6.99 -30.16
N GLN C 308 -22.46 -8.24 -30.22
CA GLN C 308 -21.56 -9.36 -30.45
C GLN C 308 -21.49 -9.74 -31.93
N TYR C 309 -22.61 -9.77 -32.63
CA TYR C 309 -22.57 -10.21 -34.02
C TYR C 309 -22.47 -9.06 -35.02
N LEU C 310 -22.27 -7.85 -34.50
CA LEU C 310 -21.89 -6.70 -35.33
C LEU C 310 -20.50 -6.27 -34.89
N ARG C 311 -19.48 -6.78 -35.57
CA ARG C 311 -18.10 -6.58 -35.15
C ARG C 311 -17.55 -5.22 -35.59
N PRO C 312 -17.01 -4.47 -34.67
CA PRO C 312 -16.50 -3.14 -34.96
C PRO C 312 -15.27 -3.16 -35.83
N VAL C 313 -15.33 -2.51 -36.99
CA VAL C 313 -14.15 -2.27 -37.78
C VAL C 313 -13.90 -0.78 -38.07
N GLU C 314 -12.66 -0.37 -37.93
CA GLU C 314 -12.30 1.00 -38.20
C GLU C 314 -12.18 1.23 -39.69
N ALA C 317 -11.50 5.24 -44.89
CA ALA C 317 -12.17 6.52 -44.99
C ALA C 317 -11.89 7.40 -43.79
N THR C 318 -11.94 8.70 -43.99
CA THR C 318 -11.67 9.60 -42.88
C THR C 318 -12.99 10.01 -42.30
N SER C 319 -13.16 9.69 -41.03
CA SER C 319 -14.37 10.06 -40.32
C SER C 319 -14.26 9.78 -38.85
N GLN C 320 -15.34 10.13 -38.18
CA GLN C 320 -15.51 9.83 -36.76
C GLN C 320 -16.65 8.84 -36.54
N ASP C 321 -16.94 8.01 -37.54
CA ASP C 321 -18.05 7.08 -37.42
C ASP C 321 -17.71 5.78 -36.69
N ASP C 322 -18.77 5.07 -36.30
CA ASP C 322 -18.68 3.71 -35.80
C ASP C 322 -19.09 2.76 -36.91
N CYS C 323 -18.18 1.89 -37.33
CA CYS C 323 -18.44 1.02 -38.48
C CYS C 323 -18.38 -0.45 -38.07
N TYR C 324 -19.20 -1.27 -38.69
CA TYR C 324 -19.34 -2.65 -38.28
C TYR C 324 -19.46 -3.61 -39.45
N LYS C 325 -19.01 -4.83 -39.26
CA LYS C 325 -19.23 -5.91 -40.19
C LYS C 325 -20.15 -6.99 -39.61
N PHE C 326 -21.04 -7.53 -40.41
CA PHE C 326 -21.94 -8.59 -40.00
C PHE C 326 -21.17 -9.89 -39.76
N ALA C 327 -21.11 -10.32 -38.50
CA ALA C 327 -20.28 -11.48 -38.13
C ALA C 327 -21.08 -12.79 -37.96
N ILE C 328 -22.16 -12.92 -38.69
CA ILE C 328 -22.85 -14.19 -38.85
C ILE C 328 -22.73 -14.60 -40.31
N SER C 329 -22.19 -15.77 -40.56
CA SER C 329 -21.97 -16.21 -41.94
C SER C 329 -22.35 -17.68 -42.15
N GLN C 330 -22.34 -18.11 -43.41
CA GLN C 330 -22.81 -19.44 -43.79
C GLN C 330 -21.71 -20.51 -43.68
N SER C 331 -22.12 -21.74 -43.41
CA SER C 331 -21.20 -22.87 -43.33
C SER C 331 -21.80 -24.10 -44.01
N SER C 332 -20.95 -24.95 -44.55
CA SER C 332 -21.39 -26.19 -45.16
C SER C 332 -20.89 -27.38 -44.34
N THR C 333 -20.25 -27.09 -43.21
CA THR C 333 -19.70 -28.13 -42.35
C THR C 333 -20.26 -28.04 -40.93
N GLY C 334 -21.47 -27.48 -40.81
CA GLY C 334 -22.14 -27.42 -39.52
C GLY C 334 -22.02 -26.08 -38.82
N THR C 335 -22.63 -25.98 -37.63
CA THR C 335 -22.57 -24.76 -36.84
C THR C 335 -21.18 -24.57 -36.23
N VAL C 336 -20.64 -23.37 -36.33
CA VAL C 336 -19.40 -23.04 -35.66
C VAL C 336 -19.64 -21.88 -34.70
N MET C 337 -19.52 -22.16 -33.40
CA MET C 337 -19.63 -21.13 -32.39
C MET C 337 -18.26 -20.50 -32.15
N GLY C 338 -18.00 -19.42 -32.88
CA GLY C 338 -16.71 -18.74 -32.82
C GLY C 338 -16.64 -17.63 -31.80
N ALA C 339 -15.70 -16.71 -31.98
CA ALA C 339 -15.45 -15.64 -31.01
C ALA C 339 -16.68 -14.78 -30.73
N VAL C 340 -17.52 -14.61 -31.76
CA VAL C 340 -18.77 -13.86 -31.62
C VAL C 340 -19.64 -14.40 -30.49
N ILE C 341 -19.66 -15.73 -30.37
CA ILE C 341 -20.40 -16.37 -29.31
C ILE C 341 -19.64 -16.33 -27.99
N MET C 342 -18.37 -16.69 -28.03
CA MET C 342 -17.58 -16.85 -26.81
C MET C 342 -17.29 -15.53 -26.07
N GLU C 343 -17.28 -14.41 -26.78
CA GLU C 343 -16.89 -13.15 -26.15
C GLU C 343 -17.87 -12.68 -25.05
N GLY C 344 -19.11 -13.14 -25.09
CA GLY C 344 -20.03 -12.74 -24.05
C GLY C 344 -19.97 -13.63 -22.82
N PHE C 345 -19.24 -14.74 -22.91
CA PHE C 345 -19.31 -15.77 -21.89
C PHE C 345 -17.98 -16.31 -21.34
N TYR C 346 -18.04 -16.87 -20.15
CA TYR C 346 -16.93 -17.66 -19.61
C TYR C 346 -17.17 -19.13 -19.97
N VAL C 347 -16.29 -19.68 -20.78
CA VAL C 347 -16.49 -21.01 -21.33
C VAL C 347 -15.52 -22.03 -20.74
N VAL C 348 -16.09 -23.03 -20.07
CA VAL C 348 -15.30 -24.05 -19.39
C VAL C 348 -15.25 -25.33 -20.22
N PHE C 349 -14.05 -25.69 -20.65
CA PHE C 349 -13.83 -26.92 -21.40
C PHE C 349 -13.46 -28.03 -20.42
N ASP C 350 -14.48 -28.65 -19.85
CA ASP C 350 -14.32 -29.67 -18.83
C ASP C 350 -14.09 -31.04 -19.46
N ARG C 351 -12.86 -31.29 -19.88
CA ARG C 351 -12.53 -32.54 -20.55
C ARG C 351 -12.71 -33.74 -19.63
N ALA C 352 -12.42 -33.55 -18.34
CA ALA C 352 -12.53 -34.65 -17.37
C ALA C 352 -13.95 -35.19 -17.28
N ARG C 353 -14.93 -34.30 -17.37
CA ARG C 353 -16.31 -34.74 -17.26
C ARG C 353 -17.05 -34.66 -18.59
N LYS C 354 -16.28 -34.55 -19.68
CA LYS C 354 -16.83 -34.54 -21.05
C LYS C 354 -17.97 -33.56 -21.20
N ARG C 355 -17.75 -32.31 -20.82
CA ARG C 355 -18.80 -31.31 -20.86
C ARG C 355 -18.23 -29.93 -21.03
N ILE C 356 -19.05 -29.01 -21.52
CA ILE C 356 -18.65 -27.62 -21.69
C ILE C 356 -19.58 -26.70 -20.90
N GLY C 357 -18.99 -25.84 -20.06
CA GLY C 357 -19.76 -24.93 -19.24
C GLY C 357 -19.80 -23.50 -19.76
N PHE C 358 -20.96 -22.87 -19.62
CA PHE C 358 -21.17 -21.48 -20.01
C PHE C 358 -21.65 -20.66 -18.82
N ALA C 359 -21.11 -19.45 -18.69
CA ALA C 359 -21.57 -18.49 -17.69
C ALA C 359 -21.39 -17.09 -18.22
N VAL C 360 -22.18 -16.14 -17.73
CA VAL C 360 -22.04 -14.74 -18.11
C VAL C 360 -20.64 -14.23 -17.76
N SER C 361 -19.91 -13.72 -18.75
CA SER C 361 -18.55 -13.24 -18.54
C SER C 361 -18.50 -11.89 -17.79
N ALA C 362 -17.42 -11.65 -17.05
CA ALA C 362 -17.26 -10.37 -16.36
C ALA C 362 -16.93 -9.22 -17.32
N CYS C 363 -16.45 -9.56 -18.51
CA CYS C 363 -16.19 -8.59 -19.58
C CYS C 363 -17.28 -8.68 -20.67
N HIS C 364 -18.52 -8.60 -20.24
CA HIS C 364 -19.65 -8.54 -21.11
C HIS C 364 -19.80 -7.14 -21.55
N VAL C 365 -20.62 -6.92 -22.56
CA VAL C 365 -20.76 -5.59 -23.09
C VAL C 365 -22.03 -4.98 -22.58
N HIS C 366 -22.00 -3.69 -22.28
CA HIS C 366 -23.09 -3.07 -21.59
C HIS C 366 -24.09 -2.41 -22.49
N ASP C 367 -25.31 -2.90 -22.50
CA ASP C 367 -26.38 -2.34 -23.30
C ASP C 367 -27.36 -1.82 -22.31
N GLU C 368 -27.97 -0.69 -22.62
CA GLU C 368 -28.77 -0.01 -21.62
C GLU C 368 -30.01 -0.80 -21.21
N PHE C 369 -30.58 -1.52 -22.17
CA PHE C 369 -31.87 -2.18 -21.96
C PHE C 369 -31.83 -3.71 -21.99
N ARG C 370 -30.78 -4.27 -22.58
CA ARG C 370 -30.70 -5.72 -22.71
C ARG C 370 -29.35 -6.21 -22.21
N THR C 371 -29.27 -7.50 -21.88
CA THR C 371 -28.02 -8.05 -21.37
C THR C 371 -27.81 -9.49 -21.85
N ALA C 372 -26.58 -9.84 -22.16
CA ALA C 372 -26.24 -11.21 -22.50
C ALA C 372 -26.50 -12.09 -21.29
N ALA C 373 -26.98 -13.31 -21.53
CA ALA C 373 -27.41 -14.16 -20.42
C ALA C 373 -27.16 -15.64 -20.65
N VAL C 374 -27.05 -16.37 -19.54
CA VAL C 374 -27.08 -17.83 -19.53
C VAL C 374 -28.21 -18.23 -18.58
N GLU C 375 -29.28 -18.77 -19.13
CA GLU C 375 -30.48 -19.02 -18.33
C GLU C 375 -30.99 -20.44 -18.44
N GLY C 376 -31.49 -20.94 -17.30
CA GLY C 376 -32.08 -22.27 -17.23
C GLY C 376 -32.82 -22.40 -15.91
N PRO C 377 -33.46 -23.55 -15.68
CA PRO C 377 -33.48 -24.67 -16.62
C PRO C 377 -34.54 -24.57 -17.72
N PHE C 378 -34.29 -25.25 -18.82
CA PHE C 378 -35.29 -25.46 -19.86
C PHE C 378 -35.41 -26.94 -20.11
N VAL C 379 -36.59 -27.38 -20.54
CA VAL C 379 -36.78 -28.76 -20.95
C VAL C 379 -36.78 -28.78 -22.47
N THR C 380 -35.99 -29.65 -23.07
CA THR C 380 -35.89 -29.71 -24.52
C THR C 380 -35.85 -31.12 -25.08
N LEU C 381 -35.62 -31.23 -26.37
CA LEU C 381 -35.49 -32.53 -27.03
C LEU C 381 -34.15 -33.10 -26.63
N ASP C 382 -34.04 -34.43 -26.68
CA ASP C 382 -32.78 -35.08 -26.34
C ASP C 382 -31.85 -35.24 -27.54
N MET C 383 -30.73 -35.90 -27.30
CA MET C 383 -29.68 -36.07 -28.30
C MET C 383 -30.17 -36.90 -29.48
N GLU C 384 -31.13 -37.78 -29.25
CA GLU C 384 -31.65 -38.62 -30.32
C GLU C 384 -32.35 -37.81 -31.40
N ASP C 385 -33.11 -36.80 -30.99
CA ASP C 385 -33.86 -36.00 -31.94
C ASP C 385 -33.03 -34.93 -32.65
N CYS C 386 -31.85 -34.63 -32.12
CA CYS C 386 -31.12 -33.46 -32.61
C CYS C 386 -29.73 -33.70 -33.20
N GLY C 387 -29.07 -34.77 -32.77
CA GLY C 387 -27.74 -35.10 -33.28
C GLY C 387 -27.78 -35.62 -34.70
N TYR C 388 -26.83 -35.17 -35.53
CA TYR C 388 -26.77 -35.72 -36.87
C TYR C 388 -26.09 -37.08 -36.77
N ASN C 389 -26.55 -38.05 -37.57
CA ASN C 389 -26.03 -39.41 -37.55
C ASN C 389 -26.02 -40.00 -38.94
C15 L3J D . 9.11 12.73 22.03
C17 L3J D . 8.76 13.17 20.58
C20 L3J D . 1.52 12.21 29.76
C21 L3J D . 0.49 11.69 30.58
C22 L3J D . -0.38 12.63 31.42
C24 L3J D . 0.64 15.01 31.85
C26 L3J D . 1.51 16.22 29.75
C28 L3J D . 1.16 16.33 27.35
O01 L3J D . 3.58 11.37 27.04
C02 L3J D . 3.38 11.97 28.15
N03 L3J D . 4.12 13.12 28.38
C04 L3J D . 5.10 13.85 27.53
C05 L3J D . 4.87 15.36 27.93
C06 L3J D . 6.64 13.39 27.58
N07 L3J D . 6.92 11.95 27.61
C08 L3J D . 6.79 11.17 26.36
C09 L3J D . 7.52 9.80 26.41
O10 L3J D . 6.51 8.86 26.27
C11 L3J D . 8.58 9.63 25.28
C12 L3J D . 6.96 11.93 24.97
N13 L3J D . 8.07 12.58 24.46
C14 L3J D . 8.08 13.27 23.10
C16 L3J D . 10.55 13.15 22.36
O18 L3J D . 5.92 11.90 24.26
C19 L3J D . 2.33 11.34 29.00
C23 L3J D . -0.43 14.14 31.16
C25 L3J D . 1.03 16.33 31.20
C27 L3J D . 0.67 16.44 28.66
C29 L3J D . 2.50 15.98 27.10
C30 L3J D . 3.39 15.75 28.16
C31 L3J D . 2.84 15.87 29.45
C32 L3J D . 0.30 10.30 30.59
C33 L3J D . 1.08 9.40 29.82
N34 L3J D . 0.84 7.97 29.86
C35 L3J D . 0.86 7.23 28.54
C36 L3J D . -0.19 7.71 27.48
C37 L3J D . -1.61 7.92 27.98
S38 L3J D . 0.50 7.14 31.29
O39 L3J D . 1.04 7.91 32.35
C40 L3J D . -1.22 7.08 31.46
O41 L3J D . 0.94 5.80 31.20
C42 L3J D . 2.09 9.97 29.03
C15 L3J E . -2.55 -0.06 -11.91
C17 L3J E . -3.02 1.39 -11.86
C20 L3J E . 5.84 -1.61 -5.35
C21 L3J E . 7.14 -1.85 -4.89
C22 L3J E . 7.38 -2.23 -3.41
C24 L3J E . 5.41 -1.61 -1.82
C26 L3J E . 3.04 -2.33 -2.62
C28 L3J E . 1.92 -4.00 -3.99
O01 L3J E . 3.91 -1.36 -8.33
C02 L3J E . 4.18 -1.03 -7.12
N03 L3J E . 3.16 -0.50 -6.38
C04 L3J E . 1.73 -0.30 -6.73
C05 L3J E . 0.97 -0.53 -5.41
C06 L3J E . 1.37 1.08 -7.47
N07 L3J E . 2.29 1.54 -8.52
C08 L3J E . 2.19 0.91 -9.88
C09 L3J E . 2.69 1.84 -11.07
O10 L3J E . 3.86 1.27 -11.51
C11 L3J E . 1.68 1.96 -12.22
C12 L3J E . 0.89 0.08 -10.23
N13 L3J E . -0.41 0.52 -10.46
C14 L3J E . -1.54 -0.44 -10.76
C16 L3J E . -3.78 -1.01 -11.91
O18 L3J E . 1.09 -1.17 -10.28
C19 L3J E . 5.62 -1.26 -6.71
C23 L3J E . 6.26 -2.69 -2.48
C25 L3J E . 3.96 -1.90 -1.46
C27 L3J E . 2.76 -3.68 -2.92
C29 L3J E . 1.34 -3.01 -4.78
C30 L3J E . 1.58 -1.64 -4.53
C31 L3J E . 2.45 -1.38 -3.46
C32 L3J E . 8.18 -1.77 -5.81
C33 L3J E . 8.01 -1.43 -7.16
N34 L3J E . 9.12 -1.37 -8.05
C35 L3J E . 8.95 -2.05 -9.37
C36 L3J E . 8.92 -3.61 -9.28
C37 L3J E . 9.58 -4.36 -10.43
S38 L3J E . 10.59 -0.65 -7.66
O39 L3J E . 11.13 -0.10 -8.83
C40 L3J E . 11.63 -1.91 -7.09
O41 L3J E . 10.43 0.24 -6.56
C42 L3J E . 6.69 -1.19 -7.57
C15 L3J F . -8.36 -28.82 -38.23
C17 L3J F . -7.52 -29.64 -39.25
C20 L3J F . -10.41 -18.24 -38.87
C21 L3J F . -10.89 -16.95 -39.20
C22 L3J F . -10.05 -15.70 -38.86
C24 L3J F . -8.16 -16.03 -37.07
C26 L3J F . -6.63 -18.09 -37.43
C28 L3J F . -5.75 -19.45 -39.23
O01 L3J F . -10.86 -21.65 -39.59
C02 L3J F . -10.55 -20.70 -38.80
N03 L3J F . -9.70 -21.01 -37.76
C04 L3J F . -9.00 -22.28 -37.42
C05 L3J F . -7.63 -21.83 -36.82
C06 L3J F . -9.76 -23.35 -36.49
N07 L3J F . -11.15 -23.67 -36.81
C08 L3J F . -11.47 -24.43 -38.04
C09 L3J F . -12.94 -25.00 -38.06
O10 L3J F . -13.54 -24.48 -39.18
C11 L3J F . -12.99 -26.54 -38.09
C12 L3J F . -10.43 -25.48 -38.63
N13 L3J F . -9.89 -26.64 -38.07
C14 L3J F . -8.94 -27.51 -38.87
C16 L3J F . -9.44 -29.73 -37.65
O18 L3J F . -10.09 -25.21 -39.81
C19 L3J F . -11.16 -19.39 -39.16
C23 L3J F . -8.55 -15.79 -38.53
C25 L3J F . -6.85 -16.74 -36.74
C27 L3J F . -5.92 -18.22 -38.63
C29 L3J F . -6.28 -20.62 -38.67
C30 L3J F . -7.02 -20.57 -37.47
C31 L3J F . -7.17 -19.28 -36.90
C32 L3J F . -12.12 -16.89 -39.86
C33 L3J F . -12.91 -18.02 -40.17
N34 L3J F . -14.18 -17.88 -40.83
C35 L3J F . -14.45 -18.73 -42.03
C36 L3J F . -13.49 -18.43 -43.24
C37 L3J F . -13.95 -18.87 -44.62
S38 L3J F . -15.31 -16.74 -40.34
O39 L3J F . -16.61 -17.26 -40.54
C40 L3J F . -15.10 -15.36 -41.39
O41 L3J F . -14.99 -16.29 -39.03
C42 L3J F . -12.38 -19.26 -39.82
#